data_4AIC
#
_entry.id   4AIC
#
_cell.length_a   67.284
_cell.length_b   65.256
_cell.length_c   86.041
_cell.angle_alpha   90.00
_cell.angle_beta   101.81
_cell.angle_gamma   90.00
#
_symmetry.space_group_name_H-M   'P 1 21 1'
#
loop_
_entity.id
_entity.type
_entity.pdbx_description
1 polymer '1-DEOXY-D-XYLULOSE 5-PHOSPHATE REDUCTOISOMERASE'
2 non-polymer '3-[FORMYL(HYDROXY)AMINO]PROPYLPHOSPHONIC ACID'
3 non-polymer 'NADPH DIHYDRO-NICOTINAMIDE-ADENINE-DINUCLEOTIDE PHOSPHATE'
4 non-polymer 'MANGANESE (II) ION'
5 non-polymer 'SULFATE ION'
6 water water
#
_entity_poly.entity_id   1
_entity_poly.type   'polypeptide(L)'
_entity_poly.pdbx_seq_one_letter_code
;TMAHHHHHHVTNSTDGRADGRLRVVVLGSTGSIGTQALQVIADNPDRFEVVGLAAGGAHLDTLLRQRAQTGVTNIAVADE
HAAQRVGDIPYHGSDAATRLVEQTEADVVLNALVGALGLRPTLAALKTGARLALANKESLVAGGSLVLRAARPGQIVPVD
SEHSALAQCLRGGTPDEVAKLVLTASGGPFRGWSAADLEHVTPEQAGAHPTWSMGPMNTLNSASLVNKGLEVIETHLLFG
IPYDRIDVVVHPQSIIHSMVTFIDGSTIAQASPPDMKLPISLALGWPRRVSGAAAACDFHTASSWEFEPLDTDVFPAVEL
ARQAGVAGGCMTAVYNAANEEAAAAFLAGRIGFPAIVGIIADVLHAADQWAVEPATVDDVLDAQRWARERAQRAVSGM
;
_entity_poly.pdbx_strand_id   A,B
#
loop_
_chem_comp.id
_chem_comp.type
_chem_comp.name
_chem_comp.formula
FOM non-polymer '3-[FORMYL(HYDROXY)AMINO]PROPYLPHOSPHONIC ACID' 'C4 H10 N O5 P'
MN non-polymer 'MANGANESE (II) ION' 'Mn 2'
NDP non-polymer 'NADPH DIHYDRO-NICOTINAMIDE-ADENINE-DINUCLEOTIDE PHOSPHATE' 'C21 H30 N7 O17 P3'
SO4 non-polymer 'SULFATE ION' 'O4 S -2'
#
# COMPACT_ATOMS: atom_id res chain seq x y z
N GLY A 20 25.23 -8.37 17.11
CA GLY A 20 24.35 -7.44 17.90
C GLY A 20 22.87 -7.79 17.80
N ARG A 21 22.49 -8.88 18.48
CA ARG A 21 21.08 -9.29 18.59
C ARG A 21 20.35 -8.29 19.48
N LEU A 22 19.08 -8.03 19.17
CA LEU A 22 18.25 -7.26 20.08
C LEU A 22 17.79 -8.15 21.24
N ARG A 23 17.90 -7.63 22.46
CA ARG A 23 17.49 -8.33 23.66
C ARG A 23 16.03 -8.01 23.93
N VAL A 24 15.21 -9.05 23.98
CA VAL A 24 13.76 -8.91 24.07
C VAL A 24 13.18 -9.54 25.34
N VAL A 25 12.44 -8.73 26.09
CA VAL A 25 11.63 -9.22 27.19
C VAL A 25 10.22 -9.47 26.64
N VAL A 26 9.67 -10.65 26.89
CA VAL A 26 8.37 -11.00 26.33
C VAL A 26 7.36 -11.14 27.45
N LEU A 27 6.49 -10.14 27.60
CA LEU A 27 5.45 -10.17 28.62
C LEU A 27 4.22 -10.88 28.06
N GLY A 28 3.67 -11.83 28.81
CA GLY A 28 2.59 -12.67 28.31
C GLY A 28 3.05 -13.69 27.27
N SER A 29 4.12 -14.41 27.61
CA SER A 29 4.79 -15.31 26.66
C SER A 29 3.95 -16.54 26.30
N THR A 30 3.04 -16.93 27.19
CA THR A 30 2.31 -18.18 27.04
C THR A 30 1.07 -18.05 26.20
N GLY A 31 0.62 -16.82 25.98
CA GLY A 31 -0.58 -16.56 25.19
C GLY A 31 -0.37 -16.63 23.69
N SER A 32 -1.42 -16.28 22.96
CA SER A 32 -1.44 -16.30 21.50
C SER A 32 -0.31 -15.46 20.85
N ILE A 33 -0.21 -14.18 21.20
CA ILE A 33 0.86 -13.33 20.66
C ILE A 33 2.24 -13.76 21.18
N GLY A 34 2.32 -14.07 22.47
CA GLY A 34 3.60 -14.44 23.09
C GLY A 34 4.26 -15.64 22.43
N THR A 35 3.48 -16.68 22.20
CA THR A 35 4.00 -17.91 21.58
C THR A 35 4.42 -17.67 20.14
N GLN A 36 3.63 -16.90 19.39
CA GLN A 36 4.00 -16.57 18.02
C GLN A 36 5.25 -15.70 17.99
N ALA A 37 5.44 -14.87 19.01
CA ALA A 37 6.61 -14.01 19.12
C ALA A 37 7.89 -14.80 19.39
N LEU A 38 7.81 -15.75 20.31
CA LEU A 38 8.93 -16.65 20.60
C LEU A 38 9.32 -17.46 19.37
N GLN A 39 8.33 -17.81 18.54
CA GLN A 39 8.59 -18.53 17.29
C GLN A 39 9.37 -17.68 16.28
N VAL A 40 9.03 -16.39 16.17
CA VAL A 40 9.78 -15.44 15.34
C VAL A 40 11.23 -15.27 15.82
N ILE A 41 11.39 -15.15 17.14
CA ILE A 41 12.72 -15.03 17.75
C ILE A 41 13.55 -16.31 17.55
N ALA A 42 12.91 -17.46 17.75
CA ALA A 42 13.55 -18.76 17.53
C ALA A 42 14.04 -18.95 16.09
N ASP A 43 13.28 -18.46 15.12
CA ASP A 43 13.68 -18.52 13.70
C ASP A 43 14.73 -17.47 13.33
N ASN A 44 14.89 -16.47 14.19
CA ASN A 44 15.81 -15.37 13.89
C ASN A 44 16.85 -15.07 14.97
N PRO A 45 17.64 -16.09 15.39
CA PRO A 45 18.60 -15.93 16.48
C PRO A 45 19.70 -14.88 16.22
N ASP A 46 19.98 -14.60 14.95
CA ASP A 46 20.92 -13.52 14.59
C ASP A 46 20.38 -12.13 14.93
N ARG A 47 19.06 -11.97 14.85
CA ARG A 47 18.42 -10.67 15.07
C ARG A 47 17.93 -10.52 16.51
N PHE A 48 17.44 -11.60 17.10
CA PHE A 48 16.73 -11.50 18.39
C PHE A 48 17.19 -12.51 19.44
N GLU A 49 17.17 -12.10 20.70
CA GLU A 49 17.28 -13.05 21.81
C GLU A 49 16.34 -12.70 22.98
N VAL A 50 15.64 -13.73 23.47
CA VAL A 50 14.79 -13.64 24.65
C VAL A 50 15.65 -13.50 25.89
N VAL A 51 15.34 -12.51 26.73
CA VAL A 51 16.05 -12.32 28.00
C VAL A 51 15.11 -12.18 29.21
N GLY A 52 13.82 -12.35 28.98
CA GLY A 52 12.81 -12.32 30.06
C GLY A 52 11.46 -12.80 29.58
N LEU A 53 10.75 -13.52 30.45
CA LEU A 53 9.43 -14.05 30.18
C LEU A 53 8.51 -13.71 31.34
N ALA A 54 7.32 -13.19 31.05
CA ALA A 54 6.30 -12.98 32.08
C ALA A 54 5.01 -13.71 31.69
N ALA A 55 4.33 -14.28 32.70
CA ALA A 55 3.07 -14.96 32.48
C ALA A 55 2.21 -14.86 33.73
N GLY A 56 0.93 -15.24 33.58
CA GLY A 56 -0.01 -15.22 34.70
C GLY A 56 0.14 -16.39 35.65
N GLY A 57 0.46 -17.57 35.10
CA GLY A 57 0.64 -18.77 35.91
C GLY A 57 -0.40 -19.85 35.68
N ALA A 58 -1.40 -19.53 34.86
CA ALA A 58 -2.47 -20.47 34.50
C ALA A 58 -2.00 -21.61 33.59
N HIS A 59 -0.91 -21.39 32.86
CA HIS A 59 -0.39 -22.37 31.91
C HIS A 59 1.08 -22.68 32.18
N LEU A 60 1.32 -23.40 33.28
CA LEU A 60 2.68 -23.72 33.73
C LEU A 60 3.41 -24.67 32.79
N ASP A 61 2.67 -25.60 32.20
CA ASP A 61 3.21 -26.52 31.19
C ASP A 61 3.91 -25.76 30.07
N THR A 62 3.18 -24.83 29.47
CA THR A 62 3.71 -23.97 28.44
C THR A 62 4.91 -23.18 28.93
N LEU A 63 4.78 -22.52 30.09
CA LEU A 63 5.88 -21.69 30.60
C LEU A 63 7.14 -22.48 30.85
N LEU A 64 6.99 -23.68 31.42
CA LEU A 64 8.14 -24.54 31.73
C LEU A 64 8.81 -24.99 30.43
N ARG A 65 8.01 -25.24 29.40
CA ARG A 65 8.55 -25.60 28.09
C ARG A 65 9.32 -24.41 27.55
N GLN A 66 8.75 -23.21 27.68
CA GLN A 66 9.41 -21.99 27.21
C GLN A 66 10.73 -21.73 27.93
N ARG A 67 10.75 -21.96 29.25
CA ARG A 67 11.99 -21.84 30.03
C ARG A 67 13.08 -22.76 29.46
N ALA A 68 12.71 -24.01 29.25
CA ALA A 68 13.64 -25.02 28.74
C ALA A 68 14.14 -24.72 27.32
N GLN A 69 13.24 -24.27 26.44
CA GLN A 69 13.61 -24.07 25.04
C GLN A 69 14.43 -22.80 24.81
N THR A 70 14.12 -21.74 25.55
CA THR A 70 14.86 -20.48 25.46
C THR A 70 16.07 -20.47 26.38
N GLY A 71 16.03 -21.29 27.42
CA GLY A 71 17.09 -21.27 28.44
C GLY A 71 16.99 -20.05 29.35
N VAL A 72 15.85 -19.37 29.32
CA VAL A 72 15.66 -18.14 30.13
C VAL A 72 15.03 -18.48 31.48
N THR A 73 15.72 -18.16 32.56
CA THR A 73 15.26 -18.40 33.92
C THR A 73 14.73 -17.10 34.53
N ASN A 74 15.04 -15.98 33.87
CA ASN A 74 14.58 -14.66 34.28
C ASN A 74 13.08 -14.56 33.97
N ILE A 75 12.26 -15.03 34.90
CA ILE A 75 10.83 -15.22 34.69
C ILE A 75 9.95 -14.56 35.75
N ALA A 76 8.83 -13.99 35.29
CA ALA A 76 7.80 -13.46 36.16
C ALA A 76 6.50 -14.28 36.06
N VAL A 77 5.98 -14.68 37.23
CA VAL A 77 4.69 -15.37 37.35
C VAL A 77 3.79 -14.55 38.29
N ALA A 78 2.64 -14.07 37.79
CA ALA A 78 1.73 -13.26 38.61
C ALA A 78 1.12 -14.02 39.80
N ASP A 79 0.61 -15.22 39.55
CA ASP A 79 -0.07 -15.99 40.60
C ASP A 79 0.94 -16.55 41.60
N GLU A 80 0.80 -16.17 42.87
CA GLU A 80 1.74 -16.59 43.94
C GLU A 80 1.81 -18.12 44.12
N HIS A 81 0.64 -18.76 44.14
CA HIS A 81 0.55 -20.21 44.32
C HIS A 81 1.21 -20.96 43.14
N ALA A 82 0.93 -20.51 41.93
CA ALA A 82 1.49 -21.11 40.73
C ALA A 82 3.00 -20.94 40.69
N ALA A 83 3.49 -19.77 41.09
CA ALA A 83 4.93 -19.50 41.15
C ALA A 83 5.64 -20.41 42.18
N GLN A 84 4.99 -20.58 43.33
CA GLN A 84 5.45 -21.50 44.38
C GLN A 84 5.59 -22.93 43.83
N ARG A 85 4.58 -23.39 43.09
CA ARG A 85 4.60 -24.72 42.45
C ARG A 85 5.79 -24.96 41.52
N VAL A 86 6.19 -23.93 40.78
CA VAL A 86 7.37 -24.02 39.94
C VAL A 86 8.64 -24.06 40.78
N GLY A 87 8.72 -23.15 41.76
CA GLY A 87 9.92 -23.01 42.57
C GLY A 87 10.99 -22.21 41.86
N ASP A 88 11.68 -21.37 42.61
CA ASP A 88 12.78 -20.53 42.09
C ASP A 88 12.43 -19.55 40.97
N ILE A 89 11.18 -19.11 40.95
CA ILE A 89 10.77 -18.01 40.10
C ILE A 89 11.29 -16.70 40.72
N PRO A 90 12.14 -15.96 39.98
CA PRO A 90 12.73 -14.72 40.54
C PRO A 90 11.71 -13.61 40.83
N TYR A 91 10.63 -13.55 40.05
CA TYR A 91 9.59 -12.51 40.22
C TYR A 91 8.22 -13.16 40.32
N HIS A 92 7.51 -12.90 41.41
CA HIS A 92 6.19 -13.46 41.62
C HIS A 92 5.26 -12.48 42.35
N GLY A 93 3.96 -12.56 42.07
CA GLY A 93 3.00 -11.59 42.59
C GLY A 93 2.54 -10.62 41.52
N SER A 94 1.57 -9.77 41.83
CA SER A 94 0.93 -8.94 40.81
C SER A 94 1.84 -7.84 40.24
N ASP A 95 2.94 -7.55 40.93
CA ASP A 95 3.92 -6.60 40.40
C ASP A 95 5.10 -7.29 39.70
N ALA A 96 5.02 -8.61 39.55
CA ALA A 96 6.14 -9.40 38.99
C ALA A 96 6.58 -8.93 37.62
N ALA A 97 5.62 -8.74 36.72
CA ALA A 97 5.90 -8.35 35.34
C ALA A 97 6.53 -6.97 35.28
N THR A 98 6.03 -6.06 36.12
CA THR A 98 6.55 -4.70 36.22
C THR A 98 7.99 -4.74 36.73
N ARG A 99 8.22 -5.49 37.81
CA ARG A 99 9.56 -5.60 38.38
C ARG A 99 10.56 -6.32 37.45
N LEU A 100 10.08 -7.32 36.70
CA LEU A 100 10.89 -7.92 35.64
C LEU A 100 11.37 -6.87 34.63
N VAL A 101 10.46 -6.00 34.16
CA VAL A 101 10.83 -4.96 33.19
C VAL A 101 11.84 -3.98 33.78
N GLU A 102 11.57 -3.52 35.00
CA GLU A 102 12.44 -2.58 35.70
C GLU A 102 13.89 -3.08 35.88
N GLN A 103 14.06 -4.38 36.09
CA GLN A 103 15.37 -4.91 36.47
C GLN A 103 16.09 -5.76 35.41
N THR A 104 15.52 -5.85 34.21
CA THR A 104 16.15 -6.58 33.12
C THR A 104 16.63 -5.61 32.06
N GLU A 105 17.92 -5.66 31.70
CA GLU A 105 18.42 -4.85 30.60
C GLU A 105 17.95 -5.46 29.31
N ALA A 106 17.28 -4.64 28.48
CA ALA A 106 16.76 -5.12 27.20
C ALA A 106 16.74 -4.01 26.16
N ASP A 107 16.64 -4.38 24.90
CA ASP A 107 16.49 -3.41 23.82
C ASP A 107 15.02 -3.22 23.44
N VAL A 108 14.24 -4.28 23.62
CA VAL A 108 12.81 -4.29 23.23
C VAL A 108 12.02 -4.96 24.33
N VAL A 109 10.90 -4.33 24.73
CA VAL A 109 9.94 -4.99 25.59
C VAL A 109 8.69 -5.27 24.75
N LEU A 110 8.41 -6.56 24.54
CA LEU A 110 7.16 -6.95 23.92
C LEU A 110 6.08 -7.10 24.98
N ASN A 111 5.13 -6.17 25.00
CA ASN A 111 4.00 -6.30 25.92
C ASN A 111 2.84 -7.00 25.25
N ALA A 112 2.74 -8.32 25.48
CA ALA A 112 1.62 -9.12 25.00
C ALA A 112 0.76 -9.65 26.14
N LEU A 113 0.69 -8.90 27.25
CA LEU A 113 -0.32 -9.12 28.27
C LEU A 113 -1.68 -8.72 27.71
N VAL A 114 -2.76 -9.15 28.35
CA VAL A 114 -4.10 -8.77 27.94
C VAL A 114 -4.73 -7.93 29.05
N GLY A 115 -5.53 -6.95 28.67
CA GLY A 115 -6.27 -6.13 29.64
C GLY A 115 -5.53 -4.92 30.17
N ALA A 116 -6.24 -4.08 30.90
CA ALA A 116 -5.66 -2.87 31.48
C ALA A 116 -4.58 -3.15 32.54
N LEU A 117 -4.45 -4.40 32.98
CA LEU A 117 -3.38 -4.80 33.92
C LEU A 117 -1.97 -4.67 33.32
N GLY A 118 -1.88 -4.48 32.00
CA GLY A 118 -0.58 -4.24 31.36
C GLY A 118 -0.10 -2.79 31.45
N LEU A 119 -0.87 -1.95 32.15
CA LEU A 119 -0.54 -0.52 32.28
C LEU A 119 0.82 -0.26 32.94
N ARG A 120 1.04 -0.82 34.15
CA ARG A 120 2.31 -0.58 34.85
C ARG A 120 3.53 -1.19 34.12
N PRO A 121 3.39 -2.42 33.58
CA PRO A 121 4.50 -2.94 32.76
C PRO A 121 4.81 -2.05 31.53
N THR A 122 3.78 -1.47 30.92
CA THR A 122 3.94 -0.53 29.80
C THR A 122 4.70 0.72 30.26
N LEU A 123 4.28 1.29 31.38
CA LEU A 123 4.91 2.49 31.89
C LEU A 123 6.34 2.21 32.32
N ALA A 124 6.57 1.06 32.98
CA ALA A 124 7.93 0.68 33.36
C ALA A 124 8.82 0.46 32.14
N ALA A 125 8.28 -0.18 31.10
CA ALA A 125 9.03 -0.43 29.86
C ALA A 125 9.52 0.85 29.21
N LEU A 126 8.61 1.82 29.07
CA LEU A 126 8.95 3.10 28.48
C LEU A 126 10.04 3.83 29.29
N LYS A 127 9.94 3.77 30.61
CA LYS A 127 10.90 4.41 31.51
C LYS A 127 12.32 3.87 31.40
N THR A 128 12.47 2.64 30.90
CA THR A 128 13.79 2.05 30.71
C THR A 128 14.49 2.59 29.44
N GLY A 129 13.70 3.18 28.54
CA GLY A 129 14.25 3.68 27.27
C GLY A 129 14.19 2.67 26.14
N ALA A 130 13.82 1.43 26.46
CA ALA A 130 13.68 0.38 25.46
C ALA A 130 12.50 0.66 24.52
N ARG A 131 12.56 0.07 23.33
CA ARG A 131 11.40 0.05 22.45
C ARG A 131 10.27 -0.76 23.11
N LEU A 132 9.06 -0.21 23.07
CA LEU A 132 7.90 -0.96 23.52
C LEU A 132 7.15 -1.49 22.31
N ALA A 133 7.32 -2.78 22.05
CA ALA A 133 6.54 -3.47 21.02
C ALA A 133 5.21 -3.84 21.67
N LEU A 134 4.17 -3.12 21.29
CA LEU A 134 2.93 -3.13 22.05
C LEU A 134 1.84 -3.93 21.35
N ALA A 135 1.54 -5.11 21.88
CA ALA A 135 0.33 -5.83 21.51
C ALA A 135 -0.81 -5.43 22.45
N ASN A 136 -0.44 -5.20 23.71
CA ASN A 136 -1.38 -4.89 24.79
C ASN A 136 -1.99 -3.48 24.61
N LYS A 137 -2.85 -3.35 23.60
CA LYS A 137 -3.48 -2.06 23.27
C LYS A 137 -4.20 -1.40 24.46
N GLU A 138 -4.77 -2.22 25.34
CA GLU A 138 -5.54 -1.73 26.50
C GLU A 138 -4.75 -0.81 27.42
N SER A 139 -3.46 -1.10 27.58
CA SER A 139 -2.60 -0.29 28.45
C SER A 139 -2.37 1.10 27.89
N LEU A 140 -2.33 1.23 26.57
CA LEU A 140 -2.26 2.55 25.95
C LEU A 140 -3.63 3.21 25.93
N VAL A 141 -4.68 2.42 25.67
CA VAL A 141 -6.05 2.94 25.72
C VAL A 141 -6.37 3.49 27.12
N ALA A 142 -5.99 2.75 28.15
CA ALA A 142 -6.24 3.14 29.53
C ALA A 142 -5.33 4.29 29.97
N GLY A 143 -4.05 4.18 29.64
CA GLY A 143 -3.06 5.17 30.06
C GLY A 143 -3.22 6.54 29.42
N GLY A 144 -3.69 6.55 28.18
CA GLY A 144 -3.90 7.78 27.42
C GLY A 144 -2.67 8.67 27.37
N SER A 145 -2.85 9.94 27.69
CA SER A 145 -1.73 10.89 27.68
C SER A 145 -0.65 10.58 28.74
N LEU A 146 -1.00 9.83 29.79
CA LEU A 146 0.02 9.39 30.79
C LEU A 146 1.09 8.49 30.15
N VAL A 147 0.65 7.55 29.33
CA VAL A 147 1.57 6.67 28.60
C VAL A 147 2.34 7.50 27.57
N LEU A 148 1.63 8.36 26.84
CA LEU A 148 2.26 9.20 25.83
C LEU A 148 3.41 10.05 26.39
N ARG A 149 3.16 10.68 27.54
CA ARG A 149 4.16 11.56 28.16
C ARG A 149 5.41 10.81 28.60
N ALA A 150 5.28 9.50 28.84
CA ALA A 150 6.40 8.64 29.22
C ALA A 150 7.21 8.13 28.02
N ALA A 151 6.67 8.34 26.82
CA ALA A 151 7.31 7.82 25.62
C ALA A 151 8.02 8.92 24.84
N ARG A 152 9.22 8.61 24.34
CA ARG A 152 9.84 9.45 23.32
C ARG A 152 9.21 9.09 21.97
N PRO A 153 9.36 9.97 20.95
CA PRO A 153 8.77 9.72 19.62
C PRO A 153 9.16 8.35 19.04
N GLY A 154 8.17 7.60 18.58
CA GLY A 154 8.44 6.28 17.99
C GLY A 154 8.95 5.21 18.94
N GLN A 155 8.88 5.45 20.26
CA GLN A 155 9.28 4.43 21.23
C GLN A 155 8.22 3.34 21.35
N ILE A 156 6.97 3.69 21.08
CA ILE A 156 5.88 2.73 21.08
C ILE A 156 5.67 2.23 19.65
N VAL A 157 5.93 0.95 19.43
CA VAL A 157 5.79 0.37 18.09
C VAL A 157 4.70 -0.70 18.13
N PRO A 158 3.64 -0.50 17.33
CA PRO A 158 2.45 -1.35 17.44
C PRO A 158 2.62 -2.76 16.87
N VAL A 159 2.11 -3.73 17.62
CA VAL A 159 2.08 -5.13 17.17
C VAL A 159 0.73 -5.46 16.50
N ASP A 160 -0.33 -4.77 16.92
CA ASP A 160 -1.64 -4.89 16.28
C ASP A 160 -1.53 -4.79 14.76
N SER A 161 -2.21 -5.68 14.04
CA SER A 161 -2.09 -5.74 12.58
C SER A 161 -2.48 -4.42 11.89
N GLU A 162 -3.54 -3.78 12.38
CA GLU A 162 -4.00 -2.50 11.79
C GLU A 162 -2.96 -1.40 11.92
N HIS A 163 -2.43 -1.23 13.12
CA HIS A 163 -1.51 -0.15 13.40
C HIS A 163 -0.13 -0.39 12.79
N SER A 164 0.25 -1.67 12.66
CA SER A 164 1.45 -2.03 11.93
C SER A 164 1.26 -1.63 10.46
N ALA A 165 0.11 -1.95 9.90
CA ALA A 165 -0.24 -1.53 8.52
C ALA A 165 -0.18 -0.02 8.36
N LEU A 166 -0.78 0.70 9.31
CA LEU A 166 -0.79 2.16 9.24
C LEU A 166 0.61 2.74 9.25
N ALA A 167 1.46 2.23 10.12
CA ALA A 167 2.84 2.71 10.22
C ALA A 167 3.58 2.52 8.88
N GLN A 168 3.36 1.37 8.24
CA GLN A 168 3.97 1.09 6.94
C GLN A 168 3.43 2.01 5.83
N CYS A 169 2.13 2.25 5.83
CA CYS A 169 1.47 3.01 4.78
C CYS A 169 1.76 4.51 4.88
N LEU A 170 2.00 4.99 6.09
CA LEU A 170 2.39 6.37 6.34
C LEU A 170 3.75 6.72 5.72
N ARG A 171 4.57 5.71 5.42
CA ARG A 171 5.81 5.91 4.66
C ARG A 171 5.52 6.41 3.23
N GLY A 172 4.26 6.31 2.80
CA GLY A 172 3.84 6.75 1.45
C GLY A 172 3.78 8.25 1.23
N GLY A 173 3.98 9.02 2.29
CA GLY A 173 4.07 10.48 2.18
C GLY A 173 4.53 11.14 3.46
N THR A 174 4.57 12.47 3.46
CA THR A 174 4.90 13.24 4.65
C THR A 174 3.66 13.38 5.55
N PRO A 175 3.85 13.75 6.84
CA PRO A 175 2.72 13.96 7.76
C PRO A 175 1.64 14.92 7.25
N ASP A 176 2.03 16.05 6.66
CA ASP A 176 1.07 17.04 6.18
C ASP A 176 0.29 16.59 4.93
N GLU A 177 0.69 15.46 4.36
CA GLU A 177 -0.01 14.90 3.20
C GLU A 177 -1.09 13.87 3.59
N VAL A 178 -1.18 13.55 4.88
CA VAL A 178 -2.16 12.57 5.34
C VAL A 178 -3.56 13.17 5.39
N ALA A 179 -4.51 12.56 4.69
CA ALA A 179 -5.91 13.00 4.77
C ALA A 179 -6.73 12.18 5.77
N LYS A 180 -6.62 10.85 5.68
CA LYS A 180 -7.45 9.93 6.47
C LYS A 180 -6.67 8.66 6.79
N LEU A 181 -6.93 8.10 7.97
CA LEU A 181 -6.46 6.75 8.28
C LEU A 181 -7.69 5.85 8.23
N VAL A 182 -7.56 4.75 7.51
CA VAL A 182 -8.67 3.83 7.32
C VAL A 182 -8.31 2.50 7.94
N LEU A 183 -8.95 2.19 9.07
CA LEU A 183 -8.83 0.87 9.67
C LEU A 183 -9.83 -0.12 9.06
N THR A 184 -9.35 -1.30 8.71
CA THR A 184 -10.23 -2.39 8.31
C THR A 184 -10.68 -3.15 9.55
N ALA A 185 -11.84 -3.78 9.44
CA ALA A 185 -12.42 -4.61 10.50
C ALA A 185 -12.99 -5.86 9.86
N SER A 186 -12.74 -7.02 10.46
CA SER A 186 -13.29 -8.26 9.89
C SER A 186 -14.82 -8.21 9.95
N GLY A 187 -15.35 -7.55 10.97
CA GLY A 187 -16.80 -7.46 11.18
C GLY A 187 -17.26 -8.56 12.10
N GLY A 188 -16.36 -9.52 12.39
CA GLY A 188 -16.60 -10.60 13.34
C GLY A 188 -17.59 -11.64 12.85
N PRO A 189 -17.86 -12.67 13.68
CA PRO A 189 -18.81 -13.73 13.34
C PRO A 189 -20.23 -13.23 13.08
N PHE A 190 -20.60 -12.07 13.62
CA PHE A 190 -21.99 -11.61 13.49
C PHE A 190 -22.17 -10.45 12.51
N ARG A 191 -21.18 -10.27 11.62
CA ARG A 191 -21.32 -9.33 10.52
C ARG A 191 -22.59 -9.63 9.72
N GLY A 192 -23.41 -8.60 9.49
CA GLY A 192 -24.63 -8.73 8.71
C GLY A 192 -25.86 -9.06 9.54
N TRP A 193 -25.65 -9.38 10.82
CA TRP A 193 -26.74 -9.76 11.73
C TRP A 193 -27.51 -8.54 12.19
N SER A 194 -28.81 -8.71 12.38
CA SER A 194 -29.66 -7.65 12.91
C SER A 194 -29.54 -7.55 14.44
N ALA A 195 -30.07 -6.47 15.02
CA ALA A 195 -30.10 -6.31 16.48
C ALA A 195 -30.86 -7.46 17.14
N ALA A 196 -31.97 -7.89 16.53
CA ALA A 196 -32.76 -9.04 16.99
C ALA A 196 -31.94 -10.34 16.98
N ASP A 197 -31.13 -10.53 15.95
CA ASP A 197 -30.25 -11.70 15.84
C ASP A 197 -29.25 -11.77 16.99
N LEU A 198 -28.70 -10.61 17.36
CA LEU A 198 -27.67 -10.51 18.41
C LEU A 198 -28.18 -10.81 19.82
N GLU A 199 -29.47 -10.55 20.05
CA GLU A 199 -30.11 -10.83 21.35
C GLU A 199 -29.83 -12.24 21.82
N HIS A 200 -29.69 -13.17 20.87
CA HIS A 200 -29.62 -14.60 21.17
C HIS A 200 -28.20 -15.15 21.22
N VAL A 201 -27.22 -14.34 20.85
CA VAL A 201 -25.82 -14.80 20.77
C VAL A 201 -25.36 -15.50 22.05
N THR A 202 -24.78 -16.68 21.89
CA THR A 202 -24.24 -17.43 23.03
C THR A 202 -22.73 -17.21 23.14
N PRO A 203 -22.17 -17.40 24.35
CA PRO A 203 -20.72 -17.38 24.53
C PRO A 203 -19.93 -18.29 23.57
N GLU A 204 -20.48 -19.46 23.22
CA GLU A 204 -19.85 -20.35 22.25
C GLU A 204 -19.83 -19.77 20.83
N GLN A 205 -20.92 -19.12 20.42
CA GLN A 205 -20.97 -18.43 19.12
C GLN A 205 -20.04 -17.23 19.05
N ALA A 206 -19.90 -16.51 20.17
CA ALA A 206 -19.02 -15.34 20.23
C ALA A 206 -17.56 -15.77 20.32
N GLY A 207 -17.35 -17.05 20.61
CA GLY A 207 -16.01 -17.65 20.69
C GLY A 207 -15.45 -18.02 19.33
N ALA A 208 -16.30 -17.93 18.31
CA ALA A 208 -15.87 -18.15 16.91
C ALA A 208 -15.29 -16.87 16.31
N HIS A 209 -14.33 -17.03 15.39
CA HIS A 209 -13.82 -15.92 14.58
C HIS A 209 -13.52 -16.42 13.17
N PRO A 210 -13.95 -15.66 12.14
CA PRO A 210 -13.75 -16.09 10.76
C PRO A 210 -12.29 -16.06 10.25
N THR A 211 -11.45 -15.18 10.80
CA THR A 211 -10.13 -14.94 10.20
C THR A 211 -8.90 -14.96 11.13
N TRP A 212 -9.09 -14.77 12.44
CA TRP A 212 -7.97 -14.74 13.40
C TRP A 212 -8.15 -15.74 14.54
N SER A 213 -7.06 -16.42 14.93
CA SER A 213 -7.05 -17.32 16.10
C SER A 213 -6.48 -16.59 17.33
N MET A 214 -7.32 -16.38 18.34
CA MET A 214 -6.93 -15.56 19.50
C MET A 214 -7.42 -16.12 20.82
N GLY A 215 -7.00 -15.50 21.91
CA GLY A 215 -7.59 -15.73 23.24
C GLY A 215 -9.09 -15.46 23.22
N PRO A 216 -9.83 -15.95 24.23
CA PRO A 216 -11.30 -15.86 24.21
C PRO A 216 -11.83 -14.42 24.46
N MET A 217 -10.98 -13.58 25.04
CA MET A 217 -11.32 -12.19 25.33
C MET A 217 -11.19 -11.30 24.09
N ASN A 218 -10.07 -11.40 23.38
CA ASN A 218 -9.90 -10.66 22.13
C ASN A 218 -10.87 -11.14 21.07
N THR A 219 -11.19 -12.43 21.09
CA THR A 219 -12.20 -12.99 20.19
C THR A 219 -13.56 -12.35 20.48
N LEU A 220 -13.94 -12.27 21.76
CA LEU A 220 -15.18 -11.59 22.16
C LEU A 220 -15.22 -10.14 21.71
N ASN A 221 -14.17 -9.39 22.04
CA ASN A 221 -14.02 -8.00 21.62
C ASN A 221 -14.12 -7.81 20.11
N SER A 222 -13.62 -8.77 19.34
CA SER A 222 -13.82 -8.74 17.90
C SER A 222 -15.27 -8.90 17.51
N ALA A 223 -15.95 -9.88 18.11
CA ALA A 223 -17.36 -10.11 17.85
C ALA A 223 -18.25 -8.90 18.19
N SER A 224 -17.88 -8.20 19.28
CA SER A 224 -18.69 -7.10 19.77
C SER A 224 -18.34 -5.77 19.12
N LEU A 225 -17.23 -5.75 18.38
CA LEU A 225 -16.63 -4.55 17.76
C LEU A 225 -15.94 -3.60 18.75
N VAL A 226 -15.89 -4.00 20.02
CA VAL A 226 -15.20 -3.19 21.01
C VAL A 226 -13.71 -3.19 20.68
N ASN A 227 -13.20 -4.32 20.22
CA ASN A 227 -11.83 -4.38 19.71
C ASN A 227 -11.55 -3.24 18.75
N LYS A 228 -12.44 -3.04 17.79
CA LYS A 228 -12.25 -2.00 16.77
C LYS A 228 -12.31 -0.60 17.39
N GLY A 229 -13.24 -0.41 18.32
CA GLY A 229 -13.29 0.83 19.11
C GLY A 229 -11.99 1.10 19.84
N LEU A 230 -11.47 0.10 20.55
CA LEU A 230 -10.13 0.20 21.18
C LEU A 230 -9.03 0.58 20.16
N GLU A 231 -9.11 -0.01 18.96
CA GLU A 231 -8.12 0.27 17.93
C GLU A 231 -8.23 1.67 17.34
N VAL A 232 -9.44 2.22 17.31
CA VAL A 232 -9.64 3.61 16.88
C VAL A 232 -8.95 4.57 17.88
N ILE A 233 -9.16 4.33 19.17
CA ILE A 233 -8.50 5.12 20.21
C ILE A 233 -6.99 4.94 20.12
N GLU A 234 -6.53 3.69 19.97
CA GLU A 234 -5.10 3.43 19.80
C GLU A 234 -4.52 4.21 18.61
N THR A 235 -5.26 4.27 17.51
CA THR A 235 -4.80 5.02 16.32
C THR A 235 -4.58 6.50 16.63
N HIS A 236 -5.58 7.13 17.25
CA HIS A 236 -5.48 8.53 17.65
C HIS A 236 -4.29 8.79 18.58
N LEU A 237 -4.08 7.90 19.54
CA LEU A 237 -2.99 8.04 20.48
C LEU A 237 -1.62 7.78 19.85
N LEU A 238 -1.49 6.73 19.03
CA LEU A 238 -0.23 6.43 18.35
C LEU A 238 0.17 7.48 17.31
N PHE A 239 -0.79 7.93 16.52
CA PHE A 239 -0.48 8.69 15.31
C PHE A 239 -0.86 10.16 15.36
N GLY A 240 -1.59 10.54 16.40
CA GLY A 240 -1.99 11.93 16.62
C GLY A 240 -2.99 12.47 15.61
N ILE A 241 -3.74 11.58 14.97
CA ILE A 241 -4.71 12.00 13.97
C ILE A 241 -6.07 12.20 14.65
N PRO A 242 -6.79 13.29 14.32
CA PRO A 242 -8.07 13.54 14.97
C PRO A 242 -9.08 12.41 14.71
N TYR A 243 -10.00 12.20 15.63
CA TYR A 243 -11.01 11.14 15.49
C TYR A 243 -11.88 11.22 14.24
N ASP A 244 -12.14 12.43 13.75
CA ASP A 244 -12.96 12.56 12.55
C ASP A 244 -12.21 12.26 11.25
N ARG A 245 -10.90 11.98 11.36
CA ARG A 245 -10.15 11.55 10.19
C ARG A 245 -9.67 10.08 10.34
N ILE A 246 -10.30 9.37 11.28
CA ILE A 246 -10.06 7.94 11.44
C ILE A 246 -11.33 7.18 11.08
N ASP A 247 -11.30 6.57 9.89
CA ASP A 247 -12.42 5.79 9.37
C ASP A 247 -12.27 4.30 9.69
N VAL A 248 -13.41 3.62 9.81
CA VAL A 248 -13.45 2.17 9.92
C VAL A 248 -14.27 1.63 8.74
N VAL A 249 -13.72 0.62 8.05
N VAL A 249 -13.73 0.61 8.08
CA VAL A 249 -14.42 -0.06 6.97
CA VAL A 249 -14.40 -0.07 6.97
C VAL A 249 -14.36 -1.56 7.22
C VAL A 249 -14.36 -1.57 7.23
N VAL A 250 -15.49 -2.23 7.02
CA VAL A 250 -15.57 -3.68 7.18
C VAL A 250 -14.99 -4.40 5.96
N HIS A 251 -14.02 -5.28 6.22
CA HIS A 251 -13.30 -6.06 5.20
C HIS A 251 -13.25 -7.53 5.66
N PRO A 252 -14.22 -8.36 5.23
CA PRO A 252 -14.37 -9.72 5.78
C PRO A 252 -13.16 -10.64 5.62
N GLN A 253 -12.36 -10.44 4.58
CA GLN A 253 -11.17 -11.27 4.32
C GLN A 253 -10.00 -11.04 5.29
N SER A 254 -9.96 -9.87 5.93
CA SER A 254 -8.82 -9.49 6.77
C SER A 254 -7.49 -9.66 6.04
N ILE A 255 -7.47 -9.35 4.74
CA ILE A 255 -6.24 -9.37 3.96
C ILE A 255 -5.60 -7.99 3.94
N ILE A 256 -6.37 -6.97 3.53
CA ILE A 256 -6.00 -5.56 3.76
C ILE A 256 -6.09 -5.29 5.26
N HIS A 257 -5.01 -4.79 5.85
CA HIS A 257 -4.98 -4.66 7.31
C HIS A 257 -5.21 -3.25 7.80
N SER A 258 -5.07 -2.30 6.86
CA SER A 258 -5.45 -0.89 7.03
C SER A 258 -4.84 -0.09 5.89
N MET A 259 -5.30 1.14 5.73
CA MET A 259 -4.89 2.00 4.62
C MET A 259 -4.74 3.44 5.07
N VAL A 260 -3.97 4.21 4.30
CA VAL A 260 -3.84 5.64 4.49
C VAL A 260 -4.21 6.33 3.18
N THR A 261 -5.13 7.30 3.27
CA THR A 261 -5.50 8.14 2.14
C THR A 261 -4.76 9.46 2.25
N PHE A 262 -4.08 9.83 1.17
CA PHE A 262 -3.30 11.07 1.12
C PHE A 262 -4.09 12.21 0.42
N ILE A 263 -3.63 13.45 0.57
CA ILE A 263 -4.37 14.64 0.11
C ILE A 263 -4.57 14.73 -1.41
N ASP A 264 -3.84 13.91 -2.17
CA ASP A 264 -3.96 13.96 -3.64
C ASP A 264 -5.01 12.96 -4.15
N GLY A 265 -5.55 12.15 -3.25
CA GLY A 265 -6.50 11.09 -3.61
C GLY A 265 -5.91 9.69 -3.61
N SER A 266 -4.60 9.60 -3.41
CA SER A 266 -3.94 8.30 -3.39
C SER A 266 -4.16 7.61 -2.06
N THR A 267 -4.45 6.32 -2.11
CA THR A 267 -4.55 5.49 -0.91
C THR A 267 -3.46 4.45 -0.97
N ILE A 268 -2.73 4.29 0.13
CA ILE A 268 -1.71 3.25 0.26
C ILE A 268 -2.19 2.24 1.30
N ALA A 269 -2.21 0.96 0.92
CA ALA A 269 -2.74 -0.11 1.76
C ALA A 269 -1.67 -1.16 2.03
N GLN A 270 -1.79 -1.85 3.16
CA GLN A 270 -0.91 -2.98 3.45
C GLN A 270 -1.76 -4.24 3.49
N ALA A 271 -1.22 -5.31 2.91
CA ALA A 271 -1.95 -6.56 2.73
C ALA A 271 -1.10 -7.79 2.92
N SER A 272 -1.71 -8.81 3.54
CA SER A 272 -1.12 -10.14 3.72
C SER A 272 -2.17 -11.10 4.25
N PRO A 273 -2.02 -12.42 3.95
CA PRO A 273 -2.87 -13.38 4.65
C PRO A 273 -2.76 -13.16 6.16
N PRO A 274 -3.88 -13.26 6.91
CA PRO A 274 -3.85 -13.00 8.35
C PRO A 274 -2.81 -13.86 9.08
N ASP A 275 -1.75 -13.22 9.58
CA ASP A 275 -0.71 -13.92 10.33
C ASP A 275 0.02 -12.91 11.19
N MET A 276 -0.20 -13.00 12.51
CA MET A 276 0.33 -12.01 13.46
C MET A 276 1.86 -12.00 13.53
N LYS A 277 2.50 -13.05 12.99
CA LYS A 277 3.96 -13.11 12.97
C LYS A 277 4.55 -11.99 12.12
N LEU A 278 3.76 -11.48 11.18
CA LEU A 278 4.20 -10.38 10.34
C LEU A 278 4.35 -9.08 11.15
N PRO A 279 3.23 -8.55 11.71
CA PRO A 279 3.36 -7.37 12.56
C PRO A 279 4.28 -7.57 13.78
N ILE A 280 4.26 -8.75 14.42
CA ILE A 280 5.22 -9.03 15.51
C ILE A 280 6.68 -8.82 15.07
N SER A 281 7.07 -9.46 13.97
CA SER A 281 8.45 -9.44 13.51
C SER A 281 8.89 -8.01 13.21
N LEU A 282 8.00 -7.25 12.56
CA LEU A 282 8.33 -5.87 12.23
C LEU A 282 8.42 -4.99 13.50
N ALA A 283 7.54 -5.23 14.47
CA ALA A 283 7.56 -4.47 15.73
C ALA A 283 8.85 -4.72 16.52
N LEU A 284 9.29 -5.97 16.53
CA LEU A 284 10.52 -6.35 17.21
C LEU A 284 11.75 -5.77 16.52
N GLY A 285 11.76 -5.79 15.20
CA GLY A 285 12.93 -5.36 14.44
C GLY A 285 12.88 -3.95 13.85
N TRP A 286 11.82 -3.19 14.17
CA TRP A 286 11.57 -1.86 13.55
C TRP A 286 12.86 -1.05 13.50
N PRO A 287 13.17 -0.39 12.35
CA PRO A 287 12.38 -0.32 11.09
C PRO A 287 12.63 -1.44 10.08
N ARG A 288 13.52 -2.37 10.42
CA ARG A 288 13.98 -3.40 9.48
C ARG A 288 13.04 -4.58 9.41
N ARG A 289 12.66 -4.96 8.18
CA ARG A 289 11.76 -6.09 7.99
C ARG A 289 12.51 -7.40 8.25
N VAL A 290 11.77 -8.43 8.64
CA VAL A 290 12.33 -9.75 8.95
C VAL A 290 12.03 -10.77 7.84
N SER A 291 13.08 -11.15 7.10
CA SER A 291 12.93 -12.01 5.93
C SER A 291 12.21 -13.32 6.28
N GLY A 292 11.21 -13.66 5.47
CA GLY A 292 10.45 -14.91 5.63
C GLY A 292 9.52 -15.01 6.83
N ALA A 293 9.18 -13.87 7.44
CA ALA A 293 8.37 -13.86 8.66
C ALA A 293 7.01 -14.51 8.45
N ALA A 294 6.43 -14.32 7.28
CA ALA A 294 5.07 -14.76 7.01
C ALA A 294 4.89 -14.95 5.52
N ALA A 295 3.86 -15.69 5.14
CA ALA A 295 3.52 -15.90 3.73
C ALA A 295 2.97 -14.61 3.14
N ALA A 296 3.28 -14.36 1.88
CA ALA A 296 2.76 -13.18 1.17
C ALA A 296 1.47 -13.52 0.45
N CYS A 297 0.73 -12.50 0.05
CA CYS A 297 -0.42 -12.67 -0.83
C CYS A 297 -0.01 -13.48 -2.07
N ASP A 298 -0.86 -14.43 -2.45
CA ASP A 298 -0.57 -15.28 -3.59
C ASP A 298 -1.46 -14.88 -4.77
N PHE A 299 -0.85 -14.24 -5.76
CA PHE A 299 -1.62 -13.77 -6.92
C PHE A 299 -1.65 -14.73 -8.11
N HIS A 300 -1.28 -15.99 -7.85
CA HIS A 300 -1.37 -17.04 -8.85
C HIS A 300 -2.69 -17.78 -8.76
N THR A 301 -3.52 -17.42 -7.77
CA THR A 301 -4.88 -17.94 -7.71
C THR A 301 -5.91 -16.83 -7.50
N ALA A 302 -7.13 -17.04 -7.99
CA ALA A 302 -8.17 -16.02 -7.91
C ALA A 302 -8.53 -15.69 -6.47
N SER A 303 -8.87 -14.42 -6.23
CA SER A 303 -9.38 -13.98 -4.93
C SER A 303 -10.09 -12.63 -5.04
N SER A 304 -10.77 -12.23 -3.97
CA SER A 304 -11.33 -10.89 -3.91
C SER A 304 -11.23 -10.23 -2.54
N TRP A 305 -11.08 -8.92 -2.55
CA TRP A 305 -11.02 -8.13 -1.34
C TRP A 305 -12.26 -7.28 -1.32
N GLU A 306 -13.14 -7.58 -0.38
CA GLU A 306 -14.43 -6.95 -0.30
C GLU A 306 -14.48 -5.94 0.83
N PHE A 307 -15.23 -4.87 0.59
CA PHE A 307 -15.41 -3.81 1.57
C PHE A 307 -16.90 -3.54 1.68
N GLU A 308 -17.35 -3.23 2.89
CA GLU A 308 -18.72 -2.81 3.15
C GLU A 308 -18.71 -1.84 4.33
N PRO A 309 -19.71 -0.93 4.38
CA PRO A 309 -19.79 -0.05 5.55
C PRO A 309 -20.14 -0.82 6.82
N LEU A 310 -19.64 -0.35 7.96
CA LEU A 310 -20.07 -0.88 9.25
C LEU A 310 -21.49 -0.42 9.52
N ASP A 311 -22.32 -1.33 10.02
CA ASP A 311 -23.66 -0.97 10.45
C ASP A 311 -23.61 -0.45 11.90
N THR A 312 -23.53 0.87 12.03
CA THR A 312 -23.27 1.50 13.32
C THR A 312 -24.47 1.48 14.29
N ASP A 313 -25.67 1.26 13.75
CA ASP A 313 -26.86 1.12 14.58
C ASP A 313 -26.83 -0.20 15.33
N VAL A 314 -26.45 -1.27 14.64
CA VAL A 314 -26.36 -2.58 15.25
C VAL A 314 -25.07 -2.71 16.08
N PHE A 315 -23.99 -2.06 15.62
CA PHE A 315 -22.69 -2.11 16.30
C PHE A 315 -22.18 -0.69 16.62
N PRO A 316 -22.66 -0.07 17.71
CA PRO A 316 -22.22 1.29 18.04
C PRO A 316 -20.91 1.42 18.83
N ALA A 317 -20.26 0.29 19.15
CA ALA A 317 -19.03 0.29 19.95
C ALA A 317 -17.94 1.23 19.45
N VAL A 318 -17.79 1.34 18.12
CA VAL A 318 -16.78 2.22 17.56
C VAL A 318 -17.15 3.68 17.75
N GLU A 319 -18.43 4.01 17.55
CA GLU A 319 -18.93 5.37 17.82
C GLU A 319 -18.72 5.77 19.28
N LEU A 320 -19.02 4.85 20.20
CA LEU A 320 -18.80 5.05 21.62
C LEU A 320 -17.32 5.26 21.96
N ALA A 321 -16.45 4.55 21.25
CA ALA A 321 -15.01 4.75 21.41
C ALA A 321 -14.58 6.15 20.97
N ARG A 322 -15.07 6.59 19.80
CA ARG A 322 -14.86 7.98 19.34
C ARG A 322 -15.34 9.00 20.39
N GLN A 323 -16.55 8.80 20.93
CA GLN A 323 -17.08 9.67 21.98
C GLN A 323 -16.12 9.75 23.17
N ALA A 324 -15.73 8.59 23.68
CA ALA A 324 -14.80 8.49 24.79
C ALA A 324 -13.46 9.16 24.47
N GLY A 325 -12.97 8.91 23.26
CA GLY A 325 -11.68 9.45 22.82
C GLY A 325 -11.69 10.98 22.71
N VAL A 326 -12.76 11.53 22.16
CA VAL A 326 -12.93 12.99 22.03
C VAL A 326 -13.02 13.64 23.41
N ALA A 327 -13.74 13.00 24.33
CA ALA A 327 -13.79 13.45 25.73
C ALA A 327 -12.39 13.45 26.35
N GLY A 328 -11.57 12.44 26.02
CA GLY A 328 -10.17 12.41 26.46
C GLY A 328 -9.96 12.13 27.94
N GLY A 329 -8.78 12.48 28.44
CA GLY A 329 -8.45 12.28 29.85
C GLY A 329 -8.44 10.83 30.29
N CYS A 330 -9.24 10.51 31.31
CA CYS A 330 -9.41 9.12 31.76
C CYS A 330 -10.64 8.43 31.16
N MET A 331 -11.28 9.07 30.18
CA MET A 331 -12.50 8.53 29.59
C MET A 331 -12.26 7.25 28.78
N THR A 332 -11.08 7.13 28.18
CA THR A 332 -10.74 5.91 27.44
C THR A 332 -10.51 4.72 28.40
N ALA A 333 -9.91 5.00 29.55
CA ALA A 333 -9.78 4.01 30.61
C ALA A 333 -11.15 3.51 31.09
N VAL A 334 -12.11 4.43 31.19
CA VAL A 334 -13.48 4.10 31.54
C VAL A 334 -14.12 3.18 30.50
N TYR A 335 -13.96 3.53 29.22
CA TYR A 335 -14.45 2.71 28.11
C TYR A 335 -13.96 1.27 28.22
N ASN A 336 -12.65 1.12 28.36
CA ASN A 336 -12.06 -0.21 28.43
C ASN A 336 -12.50 -1.00 29.66
N ALA A 337 -12.42 -0.35 30.84
CA ALA A 337 -12.77 -1.01 32.11
C ALA A 337 -14.21 -1.48 32.12
N ALA A 338 -15.13 -0.64 31.60
CA ALA A 338 -16.53 -1.04 31.50
C ALA A 338 -16.69 -2.26 30.61
N ASN A 339 -16.00 -2.26 29.47
CA ASN A 339 -15.97 -3.44 28.63
C ASN A 339 -15.47 -4.69 29.35
N GLU A 340 -14.36 -4.56 30.09
CA GLU A 340 -13.77 -5.71 30.78
C GLU A 340 -14.77 -6.36 31.74
N GLU A 341 -15.48 -5.53 32.50
CA GLU A 341 -16.50 -6.02 33.42
C GLU A 341 -17.70 -6.61 32.69
N ALA A 342 -18.20 -5.89 31.69
CA ALA A 342 -19.35 -6.35 30.94
C ALA A 342 -19.05 -7.66 30.21
N ALA A 343 -17.84 -7.75 29.64
CA ALA A 343 -17.44 -8.94 28.90
C ALA A 343 -17.38 -10.17 29.80
N ALA A 344 -16.84 -9.99 30.99
CA ALA A 344 -16.74 -11.05 31.98
C ALA A 344 -18.13 -11.58 32.32
N ALA A 345 -19.10 -10.68 32.45
CA ALA A 345 -20.49 -11.05 32.76
C ALA A 345 -21.17 -11.79 31.61
N PHE A 346 -20.86 -11.40 30.37
CA PHE A 346 -21.38 -12.14 29.22
C PHE A 346 -20.82 -13.56 29.17
N LEU A 347 -19.50 -13.69 29.34
CA LEU A 347 -18.85 -15.01 29.29
C LEU A 347 -19.33 -15.94 30.42
N ALA A 348 -19.68 -15.37 31.56
CA ALA A 348 -20.18 -16.13 32.70
C ALA A 348 -21.67 -16.50 32.57
N GLY A 349 -22.34 -15.94 31.54
CA GLY A 349 -23.75 -16.24 31.26
C GLY A 349 -24.76 -15.39 32.03
N ARG A 350 -24.29 -14.28 32.59
CA ARG A 350 -25.11 -13.40 33.42
C ARG A 350 -25.90 -12.36 32.61
N ILE A 351 -25.36 -11.94 31.47
CA ILE A 351 -26.05 -10.94 30.63
C ILE A 351 -26.04 -11.38 29.16
N GLY A 352 -26.96 -10.84 28.36
CA GLY A 352 -26.98 -11.11 26.91
C GLY A 352 -25.89 -10.38 26.15
N PHE A 353 -25.63 -10.81 24.92
CA PHE A 353 -24.60 -10.20 24.06
C PHE A 353 -24.77 -8.70 23.82
N PRO A 354 -26.00 -8.21 23.52
CA PRO A 354 -26.14 -6.74 23.30
C PRO A 354 -25.84 -5.92 24.55
N ALA A 355 -26.02 -6.50 25.73
CA ALA A 355 -25.78 -5.78 26.99
C ALA A 355 -24.32 -5.33 27.17
N ILE A 356 -23.39 -5.94 26.45
CA ILE A 356 -21.98 -5.57 26.59
C ILE A 356 -21.83 -4.09 26.26
N VAL A 357 -22.22 -3.72 25.05
CA VAL A 357 -22.10 -2.36 24.54
C VAL A 357 -23.14 -1.40 25.17
N GLY A 358 -24.29 -1.95 25.56
CA GLY A 358 -25.28 -1.20 26.34
C GLY A 358 -24.71 -0.73 27.67
N ILE A 359 -24.04 -1.63 28.39
CA ILE A 359 -23.35 -1.28 29.64
C ILE A 359 -22.24 -0.24 29.45
N ILE A 360 -21.43 -0.40 28.39
CA ILE A 360 -20.38 0.57 28.09
C ILE A 360 -20.99 1.97 27.87
N ALA A 361 -22.09 2.04 27.11
CA ALA A 361 -22.81 3.29 26.89
C ALA A 361 -23.35 3.87 28.20
N ASP A 362 -23.99 3.04 29.02
CA ASP A 362 -24.48 3.48 30.33
C ASP A 362 -23.36 4.04 31.22
N VAL A 363 -22.26 3.29 31.33
CA VAL A 363 -21.13 3.70 32.16
C VAL A 363 -20.52 5.02 31.65
N LEU A 364 -20.20 5.06 30.35
CA LEU A 364 -19.62 6.25 29.72
C LEU A 364 -20.41 7.52 29.95
N HIS A 365 -21.72 7.42 29.83
CA HIS A 365 -22.57 8.59 29.91
C HIS A 365 -22.81 9.08 31.34
N ALA A 366 -22.46 8.26 32.32
CA ALA A 366 -22.37 8.65 33.73
C ALA A 366 -20.97 9.16 34.18
N ALA A 367 -20.00 9.18 33.26
CA ALA A 367 -18.58 9.37 33.65
C ALA A 367 -18.02 10.79 33.52
N ASP A 368 -18.89 11.79 33.64
CA ASP A 368 -18.53 13.21 33.44
C ASP A 368 -17.19 13.60 34.06
N GLN A 369 -16.97 13.18 35.30
CA GLN A 369 -15.80 13.60 36.06
C GLN A 369 -14.45 13.06 35.53
N TRP A 370 -14.50 12.08 34.64
CA TRP A 370 -13.27 11.38 34.22
C TRP A 370 -12.62 11.93 32.95
N ALA A 371 -13.09 13.10 32.52
CA ALA A 371 -12.50 13.81 31.37
C ALA A 371 -11.19 14.49 31.74
N VAL A 372 -10.94 14.65 33.04
CA VAL A 372 -9.70 15.21 33.54
C VAL A 372 -8.50 14.37 33.08
N GLU A 373 -7.45 15.06 32.62
CA GLU A 373 -6.23 14.40 32.17
C GLU A 373 -5.51 13.78 33.36
N PRO A 374 -5.03 12.53 33.22
CA PRO A 374 -4.35 11.86 34.31
C PRO A 374 -2.95 12.41 34.55
N ALA A 375 -2.63 12.66 35.81
CA ALA A 375 -1.31 13.11 36.20
C ALA A 375 -0.45 11.94 36.66
N THR A 376 -1.08 10.94 37.27
CA THR A 376 -0.37 9.79 37.82
C THR A 376 -1.09 8.49 37.44
N VAL A 377 -0.42 7.36 37.59
CA VAL A 377 -1.07 6.06 37.43
C VAL A 377 -2.31 5.97 38.32
N ASP A 378 -2.24 6.58 39.51
CA ASP A 378 -3.35 6.50 40.46
C ASP A 378 -4.64 7.13 39.93
N ASP A 379 -4.50 8.21 39.15
CA ASP A 379 -5.66 8.82 38.50
C ASP A 379 -6.36 7.83 37.55
N VAL A 380 -5.55 7.11 36.77
CA VAL A 380 -6.08 6.11 35.84
C VAL A 380 -6.77 4.95 36.60
N LEU A 381 -6.11 4.47 37.64
CA LEU A 381 -6.65 3.41 38.48
C LEU A 381 -7.96 3.83 39.15
N ASP A 382 -8.02 5.07 39.62
CA ASP A 382 -9.25 5.61 40.19
C ASP A 382 -10.40 5.57 39.19
N ALA A 383 -10.11 5.98 37.96
CA ALA A 383 -11.12 6.01 36.89
C ALA A 383 -11.66 4.61 36.59
N GLN A 384 -10.74 3.66 36.46
CA GLN A 384 -11.12 2.26 36.20
C GLN A 384 -11.90 1.63 37.35
N ARG A 385 -11.49 1.92 38.57
CA ARG A 385 -12.16 1.41 39.77
C ARG A 385 -13.61 1.85 39.76
N TRP A 386 -13.84 3.15 39.52
CA TRP A 386 -15.18 3.69 39.39
C TRP A 386 -15.94 3.00 38.26
N ALA A 387 -15.30 2.87 37.10
CA ALA A 387 -15.93 2.29 35.92
C ALA A 387 -16.37 0.85 36.18
N ARG A 388 -15.52 0.08 36.85
CA ARG A 388 -15.82 -1.32 37.18
C ARG A 388 -17.02 -1.44 38.11
N GLU A 389 -17.05 -0.62 39.17
CA GLU A 389 -18.22 -0.55 40.06
C GLU A 389 -19.51 -0.14 39.31
N ARG A 390 -19.41 0.94 38.53
CA ARG A 390 -20.54 1.41 37.72
C ARG A 390 -21.02 0.34 36.74
N ALA A 391 -20.09 -0.41 36.15
CA ALA A 391 -20.45 -1.53 35.29
C ALA A 391 -21.18 -2.63 36.04
N GLN A 392 -20.75 -2.92 37.28
CA GLN A 392 -21.42 -3.92 38.12
C GLN A 392 -22.81 -3.45 38.53
N ARG A 393 -22.98 -2.15 38.74
CA ARG A 393 -24.30 -1.59 39.00
C ARG A 393 -25.23 -1.82 37.82
N ALA A 394 -24.73 -1.58 36.60
CA ALA A 394 -25.52 -1.80 35.39
C ALA A 394 -25.91 -3.26 35.22
N VAL A 395 -24.97 -4.17 35.50
CA VAL A 395 -25.23 -5.62 35.45
C VAL A 395 -26.31 -6.01 36.48
N SER A 396 -26.18 -5.52 37.72
CA SER A 396 -27.17 -5.80 38.78
C SER A 396 -28.59 -5.38 38.39
N GLY A 397 -28.68 -4.32 37.60
CA GLY A 397 -29.99 -3.81 37.15
C GLY A 397 -30.65 -4.58 36.01
N MET A 398 -30.05 -5.70 35.63
CA MET A 398 -30.54 -6.51 34.50
C MET A 398 -30.97 -7.87 34.98
N GLY B 20 8.77 26.07 -3.45
CA GLY B 20 8.75 27.10 -4.55
C GLY B 20 7.99 26.62 -5.78
N ARG B 21 8.05 27.40 -6.85
CA ARG B 21 7.35 27.06 -8.09
C ARG B 21 8.25 26.26 -9.02
N LEU B 22 7.74 25.17 -9.57
CA LEU B 22 8.54 24.40 -10.54
C LEU B 22 8.25 24.87 -11.95
N ARG B 23 9.32 25.15 -12.70
CA ARG B 23 9.20 25.52 -14.10
C ARG B 23 9.10 24.23 -14.92
N VAL B 24 8.03 24.11 -15.71
CA VAL B 24 7.70 22.88 -16.44
C VAL B 24 7.69 23.09 -17.96
N VAL B 25 8.41 22.24 -18.67
CA VAL B 25 8.30 22.12 -20.11
C VAL B 25 7.34 20.96 -20.43
N VAL B 26 6.28 21.24 -21.19
CA VAL B 26 5.35 20.18 -21.61
C VAL B 26 5.61 19.79 -23.06
N LEU B 27 6.18 18.60 -23.26
CA LEU B 27 6.39 18.07 -24.61
C LEU B 27 5.22 17.15 -24.93
N GLY B 28 4.56 17.41 -26.07
CA GLY B 28 3.33 16.70 -26.44
C GLY B 28 2.18 17.37 -25.73
N SER B 29 2.08 18.69 -25.88
CA SER B 29 1.11 19.49 -25.11
C SER B 29 -0.34 19.32 -25.57
N THR B 30 -0.54 18.77 -26.76
CA THR B 30 -1.86 18.68 -27.38
C THR B 30 -2.49 17.29 -27.26
N GLY B 31 -1.77 16.35 -26.66
CA GLY B 31 -2.28 14.99 -26.46
C GLY B 31 -2.98 14.82 -25.12
N SER B 32 -3.42 13.60 -24.86
CA SER B 32 -4.15 13.27 -23.63
C SER B 32 -3.39 13.64 -22.35
N ILE B 33 -2.16 13.11 -22.22
CA ILE B 33 -1.31 13.39 -21.05
C ILE B 33 -0.96 14.87 -20.95
N GLY B 34 -0.53 15.47 -22.05
CA GLY B 34 -0.17 16.88 -22.07
C GLY B 34 -1.24 17.84 -21.60
N THR B 35 -2.46 17.67 -22.13
CA THR B 35 -3.57 18.56 -21.79
C THR B 35 -4.02 18.36 -20.35
N GLN B 36 -4.00 17.11 -19.89
CA GLN B 36 -4.33 16.80 -18.49
C GLN B 36 -3.30 17.41 -17.56
N ALA B 37 -2.04 17.35 -17.96
CA ALA B 37 -0.96 18.00 -17.20
C ALA B 37 -1.18 19.51 -17.09
N LEU B 38 -1.55 20.14 -18.22
CA LEU B 38 -1.79 21.58 -18.23
C LEU B 38 -2.95 21.98 -17.33
N GLN B 39 -3.96 21.11 -17.22
CA GLN B 39 -5.06 21.33 -16.26
C GLN B 39 -4.58 21.27 -14.81
N VAL B 40 -3.75 20.28 -14.50
CA VAL B 40 -3.16 20.17 -13.16
C VAL B 40 -2.38 21.45 -12.83
N ILE B 41 -1.59 21.92 -13.81
CA ILE B 41 -0.78 23.14 -13.66
C ILE B 41 -1.65 24.39 -13.51
N ALA B 42 -2.69 24.51 -14.33
CA ALA B 42 -3.64 25.64 -14.22
C ALA B 42 -4.30 25.66 -12.83
N ASP B 43 -4.63 24.47 -12.33
CA ASP B 43 -5.22 24.32 -10.99
C ASP B 43 -4.24 24.59 -9.85
N ASN B 44 -2.94 24.56 -10.13
CA ASN B 44 -1.93 24.71 -9.09
C ASN B 44 -0.81 25.73 -9.40
N PRO B 45 -1.19 27.02 -9.64
CA PRO B 45 -0.20 28.06 -9.99
C PRO B 45 0.86 28.28 -8.89
N ASP B 46 0.53 27.91 -7.67
CA ASP B 46 1.50 27.95 -6.56
C ASP B 46 2.67 26.97 -6.77
N ARG B 47 2.37 25.78 -7.30
N ARG B 47 2.37 25.78 -7.28
CA ARG B 47 3.33 24.70 -7.43
CA ARG B 47 3.38 24.72 -7.45
C ARG B 47 4.06 24.63 -8.79
C ARG B 47 4.12 24.76 -8.78
N PHE B 48 3.40 25.10 -9.85
CA PHE B 48 3.93 24.93 -11.22
C PHE B 48 3.75 26.15 -12.12
N GLU B 49 4.70 26.38 -13.01
CA GLU B 49 4.51 27.27 -14.15
C GLU B 49 5.05 26.67 -15.45
N VAL B 50 4.26 26.79 -16.51
CA VAL B 50 4.65 26.32 -17.85
C VAL B 50 5.65 27.30 -18.42
N VAL B 51 6.76 26.80 -18.94
CA VAL B 51 7.78 27.67 -19.54
C VAL B 51 8.13 27.21 -20.96
N GLY B 52 7.46 26.15 -21.43
CA GLY B 52 7.68 25.61 -22.76
C GLY B 52 6.57 24.66 -23.17
N LEU B 53 6.22 24.69 -24.45
CA LEU B 53 5.24 23.76 -25.01
C LEU B 53 5.77 23.23 -26.32
N ALA B 54 5.66 21.92 -26.55
CA ALA B 54 6.02 21.34 -27.83
C ALA B 54 4.91 20.44 -28.35
N ALA B 55 4.64 20.52 -29.64
CA ALA B 55 3.65 19.64 -30.28
C ALA B 55 4.07 19.22 -31.67
N GLY B 56 3.34 18.28 -32.24
CA GLY B 56 3.67 17.74 -33.57
C GLY B 56 3.24 18.61 -34.73
N GLY B 57 2.08 19.24 -34.62
CA GLY B 57 1.54 20.05 -35.71
C GLY B 57 0.20 19.57 -36.25
N ALA B 58 -0.13 18.30 -36.03
CA ALA B 58 -1.46 17.79 -36.38
C ALA B 58 -2.52 18.60 -35.65
N HIS B 59 -2.26 18.94 -34.40
CA HIS B 59 -3.19 19.77 -33.62
C HIS B 59 -2.58 21.14 -33.35
N LEU B 60 -2.10 21.76 -34.44
CA LEU B 60 -1.51 23.10 -34.39
C LEU B 60 -2.44 24.13 -33.77
N ASP B 61 -3.72 24.09 -34.14
CA ASP B 61 -4.71 25.04 -33.65
C ASP B 61 -4.81 25.03 -32.12
N THR B 62 -4.75 23.83 -31.55
CA THR B 62 -4.74 23.68 -30.09
C THR B 62 -3.50 24.31 -29.46
N LEU B 63 -2.33 24.00 -30.02
CA LEU B 63 -1.08 24.58 -29.50
C LEU B 63 -1.15 26.11 -29.51
N LEU B 64 -1.68 26.67 -30.60
CA LEU B 64 -1.83 28.12 -30.75
C LEU B 64 -2.79 28.72 -29.72
N ARG B 65 -3.89 28.02 -29.45
CA ARG B 65 -4.80 28.38 -28.36
C ARG B 65 -4.11 28.27 -27.00
N GLN B 66 -3.28 27.25 -26.83
CA GLN B 66 -2.45 27.12 -25.63
C GLN B 66 -1.48 28.28 -25.44
N ARG B 67 -0.83 28.70 -26.53
CA ARG B 67 0.03 29.89 -26.46
C ARG B 67 -0.78 31.09 -25.98
N ALA B 68 -1.97 31.27 -26.54
CA ALA B 68 -2.83 32.41 -26.23
C ALA B 68 -3.32 32.38 -24.78
N GLN B 69 -3.71 31.18 -24.31
CA GLN B 69 -4.25 30.99 -22.97
C GLN B 69 -3.20 31.10 -21.88
N THR B 70 -2.05 30.46 -22.08
CA THR B 70 -1.01 30.41 -21.06
C THR B 70 -0.08 31.62 -21.12
N GLY B 71 0.01 32.25 -22.29
CA GLY B 71 0.94 33.35 -22.48
C GLY B 71 2.36 32.88 -22.81
N VAL B 72 2.54 31.56 -22.89
CA VAL B 72 3.83 30.97 -23.23
C VAL B 72 4.09 31.10 -24.74
N THR B 73 5.17 31.80 -25.09
CA THR B 73 5.56 32.01 -26.49
C THR B 73 6.70 31.07 -26.88
N ASN B 74 7.28 30.43 -25.87
CA ASN B 74 8.35 29.49 -26.06
C ASN B 74 7.77 28.16 -26.50
N ILE B 75 7.45 28.04 -27.79
CA ILE B 75 6.80 26.84 -28.33
C ILE B 75 7.55 26.21 -29.50
N ALA B 76 7.30 24.92 -29.69
CA ALA B 76 7.94 24.15 -30.75
C ALA B 76 6.92 23.37 -31.54
N VAL B 77 7.09 23.37 -32.85
CA VAL B 77 6.25 22.59 -33.75
C VAL B 77 7.17 21.78 -34.66
N ALA B 78 7.00 20.46 -34.65
CA ALA B 78 7.84 19.55 -35.46
C ALA B 78 7.60 19.68 -36.96
N ASP B 79 6.32 19.69 -37.34
CA ASP B 79 5.92 19.67 -38.74
C ASP B 79 6.14 21.04 -39.36
N GLU B 80 7.04 21.11 -40.35
CA GLU B 80 7.37 22.37 -41.03
C GLU B 80 6.18 22.99 -41.74
N HIS B 81 5.40 22.16 -42.45
CA HIS B 81 4.16 22.59 -43.12
C HIS B 81 3.26 23.35 -42.17
N ALA B 82 2.98 22.72 -41.03
CA ALA B 82 2.16 23.33 -39.98
C ALA B 82 2.81 24.62 -39.48
N ALA B 83 4.13 24.58 -39.28
CA ALA B 83 4.88 25.76 -38.82
C ALA B 83 4.79 26.93 -39.81
N GLN B 84 4.64 26.63 -41.10
CA GLN B 84 4.48 27.63 -42.16
C GLN B 84 3.20 28.44 -42.03
N ARG B 85 2.25 27.93 -41.26
CA ARG B 85 0.94 28.58 -41.11
C ARG B 85 0.97 29.71 -40.09
N VAL B 86 2.09 29.85 -39.38
CA VAL B 86 2.14 30.69 -38.19
C VAL B 86 3.17 31.83 -38.29
N GLY B 87 4.41 31.49 -38.65
CA GLY B 87 5.43 32.52 -38.86
C GLY B 87 6.11 33.12 -37.63
N ASP B 88 5.64 32.80 -36.44
CA ASP B 88 6.30 33.29 -35.22
C ASP B 88 6.57 32.18 -34.19
N ILE B 89 6.82 30.96 -34.68
CA ILE B 89 7.21 29.86 -33.82
C ILE B 89 8.73 29.89 -33.69
N PRO B 90 9.26 29.98 -32.45
CA PRO B 90 10.73 29.99 -32.24
C PRO B 90 11.43 28.67 -32.58
N TYR B 91 10.74 27.55 -32.41
CA TYR B 91 11.32 26.22 -32.73
C TYR B 91 10.43 25.41 -33.68
N HIS B 92 10.93 25.14 -34.87
CA HIS B 92 10.16 24.38 -35.87
C HIS B 92 11.04 23.49 -36.72
N GLY B 93 10.46 22.41 -37.24
CA GLY B 93 11.20 21.44 -38.04
C GLY B 93 11.59 20.25 -37.19
N SER B 94 12.38 19.35 -37.75
CA SER B 94 12.82 18.16 -37.02
C SER B 94 13.71 18.62 -35.86
N ASP B 95 13.64 17.89 -34.75
CA ASP B 95 14.41 18.22 -33.55
C ASP B 95 14.02 19.55 -32.86
N ALA B 96 12.91 20.14 -33.29
CA ALA B 96 12.37 21.35 -32.64
C ALA B 96 12.17 21.17 -31.13
N ALA B 97 11.55 20.05 -30.73
CA ALA B 97 11.32 19.77 -29.31
C ALA B 97 12.65 19.66 -28.58
N THR B 98 13.58 18.89 -29.15
CA THR B 98 14.94 18.75 -28.62
C THR B 98 15.63 20.10 -28.41
N ARG B 99 15.56 20.97 -29.43
CA ARG B 99 16.16 22.30 -29.34
C ARG B 99 15.50 23.13 -28.26
N LEU B 100 14.18 23.06 -28.16
CA LEU B 100 13.46 23.77 -27.10
C LEU B 100 13.98 23.33 -25.73
N VAL B 101 14.15 22.03 -25.55
CA VAL B 101 14.60 21.47 -24.27
C VAL B 101 16.01 21.97 -23.96
N GLU B 102 16.90 21.88 -24.95
CA GLU B 102 18.30 22.33 -24.83
C GLU B 102 18.44 23.81 -24.49
N GLN B 103 17.46 24.62 -24.87
CA GLN B 103 17.57 26.07 -24.77
C GLN B 103 16.63 26.71 -23.73
N THR B 104 15.88 25.90 -22.99
CA THR B 104 14.93 26.40 -22.00
C THR B 104 15.29 26.00 -20.57
N GLU B 105 15.47 26.98 -19.69
CA GLU B 105 15.70 26.72 -18.27
C GLU B 105 14.43 26.19 -17.62
N ALA B 106 14.52 25.00 -17.02
CA ALA B 106 13.35 24.35 -16.45
C ALA B 106 13.75 23.47 -15.29
N ASP B 107 12.79 23.18 -14.42
CA ASP B 107 13.00 22.22 -13.33
C ASP B 107 12.52 20.83 -13.70
N VAL B 108 11.44 20.77 -14.48
CA VAL B 108 10.82 19.51 -14.87
C VAL B 108 10.51 19.53 -16.36
N VAL B 109 10.84 18.43 -17.04
CA VAL B 109 10.43 18.24 -18.41
C VAL B 109 9.43 17.09 -18.44
N LEU B 110 8.21 17.35 -18.90
CA LEU B 110 7.24 16.28 -19.09
C LEU B 110 7.35 15.81 -20.53
N ASN B 111 7.86 14.60 -20.72
CA ASN B 111 7.90 14.02 -22.05
C ASN B 111 6.67 13.16 -22.29
N ALA B 112 5.68 13.76 -22.93
CA ALA B 112 4.47 13.09 -23.30
C ALA B 112 4.38 12.97 -24.82
N LEU B 113 5.54 12.96 -25.49
CA LEU B 113 5.59 12.75 -26.93
C LEU B 113 5.25 11.29 -27.25
N VAL B 114 4.73 11.04 -28.45
CA VAL B 114 4.40 9.66 -28.84
C VAL B 114 5.49 9.07 -29.74
N GLY B 115 5.82 7.81 -29.48
CA GLY B 115 6.69 7.03 -30.35
C GLY B 115 8.16 7.42 -30.37
N ALA B 116 8.83 6.93 -31.42
CA ALA B 116 10.27 7.01 -31.62
C ALA B 116 10.87 8.38 -31.34
N LEU B 117 10.11 9.42 -31.69
CA LEU B 117 10.58 10.79 -31.62
C LEU B 117 10.60 11.41 -30.21
N GLY B 118 10.21 10.65 -29.20
CA GLY B 118 10.37 11.09 -27.82
C GLY B 118 11.78 10.85 -27.30
N LEU B 119 12.54 10.05 -28.03
CA LEU B 119 13.84 9.55 -27.56
C LEU B 119 14.90 10.64 -27.41
N ARG B 120 15.20 11.35 -28.50
CA ARG B 120 16.15 12.48 -28.44
C ARG B 120 15.77 13.55 -27.40
N PRO B 121 14.49 13.97 -27.34
CA PRO B 121 14.16 14.93 -26.26
C PRO B 121 14.39 14.37 -24.83
N THR B 122 14.12 13.09 -24.62
CA THR B 122 14.46 12.45 -23.33
C THR B 122 15.96 12.61 -23.04
N LEU B 123 16.79 12.22 -24.01
CA LEU B 123 18.24 12.36 -23.85
C LEU B 123 18.66 13.81 -23.58
N ALA B 124 18.11 14.74 -24.36
CA ALA B 124 18.41 16.16 -24.18
C ALA B 124 17.98 16.67 -22.79
N ALA B 125 16.79 16.26 -22.35
CA ALA B 125 16.27 16.69 -21.04
C ALA B 125 17.12 16.17 -19.88
N LEU B 126 17.60 14.95 -20.01
CA LEU B 126 18.46 14.33 -18.99
C LEU B 126 19.77 15.08 -18.86
N LYS B 127 20.34 15.46 -20.01
CA LYS B 127 21.57 16.24 -20.06
C LYS B 127 21.44 17.62 -19.40
N THR B 128 20.25 18.24 -19.45
CA THR B 128 20.06 19.57 -18.85
C THR B 128 20.13 19.51 -17.33
N GLY B 129 19.92 18.31 -16.78
CA GLY B 129 19.85 18.12 -15.34
C GLY B 129 18.48 18.34 -14.74
N ALA B 130 17.46 18.59 -15.55
CA ALA B 130 16.10 18.68 -15.03
C ALA B 130 15.54 17.29 -14.67
N ARG B 131 14.53 17.27 -13.82
CA ARG B 131 13.75 16.07 -13.58
C ARG B 131 12.94 15.78 -14.84
N LEU B 132 12.87 14.50 -15.21
CA LEU B 132 12.13 14.06 -16.40
C LEU B 132 10.89 13.25 -15.99
N ALA B 133 9.73 13.88 -16.10
CA ALA B 133 8.45 13.18 -15.94
C ALA B 133 8.16 12.49 -17.26
N LEU B 134 8.35 11.18 -17.28
CA LEU B 134 8.36 10.43 -18.52
C LEU B 134 7.05 9.65 -18.78
N ALA B 135 6.39 9.98 -19.88
CA ALA B 135 5.24 9.20 -20.35
C ALA B 135 5.64 8.40 -21.59
N ASN B 136 6.36 9.02 -22.51
CA ASN B 136 6.86 8.39 -23.74
C ASN B 136 7.47 7.02 -23.46
N LYS B 137 6.81 5.96 -23.94
CA LYS B 137 7.24 4.59 -23.69
C LYS B 137 8.54 4.24 -24.42
N GLU B 138 8.71 4.79 -25.62
CA GLU B 138 9.85 4.42 -26.47
C GLU B 138 11.19 4.80 -25.84
N SER B 139 11.22 5.90 -25.10
CA SER B 139 12.42 6.30 -24.37
C SER B 139 13.03 5.14 -23.58
N LEU B 140 12.19 4.36 -22.90
CA LEU B 140 12.68 3.22 -22.13
C LEU B 140 12.62 1.88 -22.88
N VAL B 141 11.49 1.61 -23.54
CA VAL B 141 11.31 0.34 -24.22
C VAL B 141 12.28 0.20 -25.40
N ALA B 142 12.50 1.30 -26.12
CA ALA B 142 13.43 1.28 -27.25
C ALA B 142 14.80 1.81 -26.87
N GLY B 143 14.83 2.95 -26.19
CA GLY B 143 16.07 3.60 -25.78
C GLY B 143 16.89 2.84 -24.74
N GLY B 144 16.22 2.11 -23.86
CA GLY B 144 16.89 1.21 -22.91
C GLY B 144 18.17 1.71 -22.25
N SER B 145 19.30 1.08 -22.58
CA SER B 145 20.57 1.39 -21.91
C SER B 145 21.13 2.76 -22.30
N LEU B 146 20.74 3.30 -23.46
CA LEU B 146 21.09 4.68 -23.83
C LEU B 146 20.54 5.66 -22.80
N VAL B 147 19.27 5.45 -22.45
CA VAL B 147 18.56 6.32 -21.51
C VAL B 147 19.04 6.10 -20.07
N LEU B 148 19.21 4.84 -19.68
CA LEU B 148 19.67 4.52 -18.33
C LEU B 148 21.10 4.97 -18.05
N ARG B 149 21.99 4.88 -19.03
CA ARG B 149 23.36 5.36 -18.84
C ARG B 149 23.42 6.89 -18.77
N ALA B 150 22.43 7.56 -19.36
CA ALA B 150 22.38 9.02 -19.36
C ALA B 150 21.66 9.61 -18.14
N ALA B 151 20.80 8.84 -17.50
CA ALA B 151 20.00 9.33 -16.38
C ALA B 151 20.70 9.06 -15.04
N ARG B 152 20.57 10.01 -14.13
CA ARG B 152 21.12 9.86 -12.79
C ARG B 152 20.02 9.36 -11.85
N PRO B 153 20.40 8.76 -10.71
CA PRO B 153 19.37 8.21 -9.81
C PRO B 153 18.26 9.21 -9.50
N GLY B 154 17.01 8.76 -9.59
CA GLY B 154 15.85 9.61 -9.24
C GLY B 154 15.44 10.63 -10.29
N GLN B 155 16.25 10.78 -11.34
CA GLN B 155 16.00 11.84 -12.33
C GLN B 155 14.75 11.55 -13.16
N ILE B 156 14.51 10.28 -13.44
CA ILE B 156 13.33 9.89 -14.21
C ILE B 156 12.21 9.53 -13.25
N VAL B 157 11.06 10.16 -13.44
CA VAL B 157 9.87 9.88 -12.65
C VAL B 157 8.77 9.45 -13.63
N PRO B 158 8.22 8.24 -13.44
CA PRO B 158 7.25 7.67 -14.40
C PRO B 158 5.86 8.30 -14.30
N VAL B 159 5.19 8.46 -15.43
CA VAL B 159 3.87 9.09 -15.47
C VAL B 159 2.72 8.09 -15.42
N ASP B 160 2.95 6.88 -15.94
CA ASP B 160 1.85 5.96 -16.11
C ASP B 160 1.42 5.34 -14.78
N SER B 161 0.14 5.01 -14.68
CA SER B 161 -0.49 4.59 -13.42
C SER B 161 0.22 3.42 -12.71
N GLU B 162 0.61 2.39 -13.45
CA GLU B 162 1.27 1.25 -12.81
C GLU B 162 2.63 1.65 -12.20
N HIS B 163 3.44 2.36 -13.00
CA HIS B 163 4.77 2.77 -12.57
C HIS B 163 4.74 3.78 -11.40
N SER B 164 3.80 4.72 -11.45
CA SER B 164 3.58 5.68 -10.37
C SER B 164 3.18 4.95 -9.07
N ALA B 165 2.30 3.95 -9.19
CA ALA B 165 1.89 3.11 -8.07
C ALA B 165 3.08 2.37 -7.44
N LEU B 166 3.90 1.74 -8.27
CA LEU B 166 5.11 1.06 -7.80
C LEU B 166 6.09 2.02 -7.12
N ALA B 167 6.28 3.21 -7.70
CA ALA B 167 7.14 4.23 -7.08
C ALA B 167 6.68 4.58 -5.66
N GLN B 168 5.37 4.69 -5.49
CA GLN B 168 4.76 5.00 -4.20
C GLN B 168 4.87 3.83 -3.21
N CYS B 169 4.61 2.62 -3.69
CA CYS B 169 4.66 1.43 -2.85
C CYS B 169 6.09 1.08 -2.39
N LEU B 170 7.08 1.46 -3.21
CA LEU B 170 8.50 1.22 -2.90
C LEU B 170 8.97 2.03 -1.69
N ARG B 171 8.20 3.05 -1.34
CA ARG B 171 8.45 3.82 -0.12
C ARG B 171 8.29 2.98 1.16
N GLY B 172 7.67 1.81 1.03
CA GLY B 172 7.40 0.95 2.19
C GLY B 172 8.58 0.17 2.73
N GLY B 173 9.73 0.27 2.08
CA GLY B 173 10.94 -0.36 2.59
C GLY B 173 12.16 0.11 1.84
N THR B 174 13.32 -0.43 2.19
CA THR B 174 14.53 -0.15 1.45
C THR B 174 14.50 -0.94 0.12
N PRO B 175 15.38 -0.60 -0.83
CA PRO B 175 15.54 -1.41 -2.03
C PRO B 175 15.89 -2.88 -1.74
N ASP B 176 16.68 -3.11 -0.69
CA ASP B 176 17.10 -4.46 -0.31
C ASP B 176 15.94 -5.31 0.22
N GLU B 177 14.86 -4.66 0.63
CA GLU B 177 13.74 -5.39 1.23
C GLU B 177 12.67 -5.83 0.23
N VAL B 178 12.83 -5.43 -1.04
CA VAL B 178 11.87 -5.79 -2.08
C VAL B 178 12.04 -7.24 -2.48
N ALA B 179 10.94 -7.98 -2.47
CA ALA B 179 10.91 -9.34 -2.98
C ALA B 179 10.34 -9.38 -4.41
N LYS B 180 9.20 -8.72 -4.63
CA LYS B 180 8.50 -8.77 -5.92
C LYS B 180 7.81 -7.45 -6.23
N LEU B 181 7.77 -7.10 -7.52
CA LEU B 181 6.90 -6.05 -8.01
C LEU B 181 5.72 -6.70 -8.72
N VAL B 182 4.50 -6.26 -8.40
CA VAL B 182 3.30 -6.86 -8.99
C VAL B 182 2.50 -5.80 -9.73
N LEU B 183 2.54 -5.85 -11.06
CA LEU B 183 1.74 -4.93 -11.86
C LEU B 183 0.34 -5.50 -11.94
N THR B 184 -0.67 -4.66 -11.79
CA THR B 184 -2.02 -5.09 -12.13
C THR B 184 -2.29 -4.84 -13.62
N ALA B 185 -3.19 -5.63 -14.18
CA ALA B 185 -3.60 -5.50 -15.57
C ALA B 185 -5.12 -5.61 -15.64
N SER B 186 -5.76 -4.73 -16.38
CA SER B 186 -7.23 -4.77 -16.53
C SER B 186 -7.70 -6.12 -17.08
N GLY B 187 -6.85 -6.72 -17.91
CA GLY B 187 -7.19 -7.96 -18.60
C GLY B 187 -7.73 -7.70 -19.99
N GLY B 188 -8.10 -6.45 -20.27
CA GLY B 188 -8.67 -6.06 -21.57
C GLY B 188 -10.08 -6.60 -21.81
N PRO B 189 -10.64 -6.39 -23.01
CA PRO B 189 -11.97 -6.90 -23.34
C PRO B 189 -12.06 -8.44 -23.43
N PHE B 190 -10.94 -9.13 -23.64
CA PHE B 190 -10.98 -10.58 -23.83
C PHE B 190 -10.50 -11.38 -22.63
N ARG B 191 -10.56 -10.73 -21.46
CA ARG B 191 -10.26 -11.35 -20.18
C ARG B 191 -11.06 -12.64 -20.03
N GLY B 192 -10.36 -13.73 -19.75
CA GLY B 192 -11.00 -15.03 -19.55
C GLY B 192 -11.45 -15.72 -20.83
N TRP B 193 -11.03 -15.21 -21.99
CA TRP B 193 -11.37 -15.85 -23.26
C TRP B 193 -10.41 -17.00 -23.53
N SER B 194 -10.93 -18.07 -24.12
CA SER B 194 -10.12 -19.21 -24.55
C SER B 194 -9.39 -18.85 -25.84
N ALA B 195 -8.41 -19.65 -26.22
CA ALA B 195 -7.72 -19.46 -27.49
C ALA B 195 -8.73 -19.52 -28.63
N ALA B 196 -9.65 -20.48 -28.57
CA ALA B 196 -10.74 -20.58 -29.55
C ALA B 196 -11.54 -19.30 -29.68
N ASP B 197 -11.95 -18.70 -28.56
CA ASP B 197 -12.68 -17.42 -28.57
C ASP B 197 -11.89 -16.37 -29.35
N LEU B 198 -10.59 -16.30 -29.09
CA LEU B 198 -9.72 -15.26 -29.62
C LEU B 198 -9.55 -15.30 -31.14
N GLU B 199 -9.70 -16.50 -31.70
CA GLU B 199 -9.62 -16.71 -33.15
C GLU B 199 -10.49 -15.75 -33.96
N HIS B 200 -11.69 -15.45 -33.48
CA HIS B 200 -12.59 -14.57 -34.25
C HIS B 200 -12.76 -13.15 -33.72
N VAL B 201 -11.78 -12.67 -32.96
CA VAL B 201 -11.74 -11.25 -32.56
C VAL B 201 -11.63 -10.33 -33.79
N THR B 202 -12.46 -9.31 -33.81
CA THR B 202 -12.44 -8.30 -34.87
C THR B 202 -11.80 -7.02 -34.36
N PRO B 203 -11.25 -6.18 -35.27
CA PRO B 203 -10.77 -4.86 -34.91
C PRO B 203 -11.72 -4.07 -33.99
N GLU B 204 -13.01 -4.00 -34.34
CA GLU B 204 -13.96 -3.25 -33.52
C GLU B 204 -14.03 -3.80 -32.09
N GLN B 205 -14.16 -5.12 -31.96
CA GLN B 205 -14.16 -5.80 -30.66
C GLN B 205 -12.90 -5.53 -29.84
N ALA B 206 -11.78 -5.35 -30.54
CA ALA B 206 -10.49 -5.04 -29.92
C ALA B 206 -10.43 -3.57 -29.51
N GLY B 207 -11.54 -2.87 -29.66
CA GLY B 207 -11.69 -1.49 -29.21
C GLY B 207 -11.11 -0.48 -30.18
N ALA B 208 -11.04 -0.86 -31.46
CA ALA B 208 -10.61 0.06 -32.52
C ALA B 208 -11.78 0.91 -33.06
N HIS B 209 -12.23 1.86 -32.25
CA HIS B 209 -13.18 2.88 -32.67
C HIS B 209 -12.38 4.16 -32.96
N PRO B 210 -12.94 5.09 -33.75
CA PRO B 210 -12.23 6.37 -33.94
C PRO B 210 -12.40 7.28 -32.72
N THR B 211 -11.92 6.82 -31.57
CA THR B 211 -12.03 7.59 -30.32
C THR B 211 -11.13 8.82 -30.41
N TRP B 212 -11.72 9.97 -30.12
CA TRP B 212 -11.18 11.28 -30.44
C TRP B 212 -9.79 11.61 -29.87
N SER B 213 -9.45 11.03 -28.72
CA SER B 213 -8.20 11.37 -28.02
C SER B 213 -7.10 10.33 -28.20
N MET B 214 -7.37 9.12 -27.70
CA MET B 214 -6.42 8.01 -27.80
C MET B 214 -6.44 7.37 -29.19
N GLY B 215 -5.27 6.93 -29.65
CA GLY B 215 -5.17 6.20 -30.91
C GLY B 215 -5.62 4.76 -30.74
N PRO B 216 -5.88 4.06 -31.86
CA PRO B 216 -6.37 2.68 -31.84
C PRO B 216 -5.38 1.67 -31.22
N MET B 217 -4.10 2.03 -31.21
CA MET B 217 -3.06 1.14 -30.70
C MET B 217 -3.17 0.88 -29.20
N ASN B 218 -3.53 1.91 -28.43
CA ASN B 218 -3.62 1.77 -26.97
C ASN B 218 -4.65 0.75 -26.46
N THR B 219 -5.84 0.77 -27.03
CA THR B 219 -6.87 -0.21 -26.69
C THR B 219 -6.50 -1.62 -27.16
N LEU B 220 -5.85 -1.70 -28.33
CA LEU B 220 -5.42 -2.98 -28.89
C LEU B 220 -4.28 -3.60 -28.08
N ASN B 221 -3.31 -2.79 -27.69
CA ASN B 221 -2.18 -3.25 -26.86
C ASN B 221 -2.64 -3.73 -25.50
N SER B 222 -3.68 -3.08 -24.98
CA SER B 222 -4.32 -3.48 -23.74
C SER B 222 -4.99 -4.83 -23.93
N ALA B 223 -5.74 -4.98 -25.02
CA ALA B 223 -6.46 -6.22 -25.34
C ALA B 223 -5.52 -7.39 -25.62
N SER B 224 -4.38 -7.10 -26.26
CA SER B 224 -3.42 -8.15 -26.63
C SER B 224 -2.48 -8.52 -25.49
N LEU B 225 -2.53 -7.74 -24.40
CA LEU B 225 -1.59 -7.83 -23.26
C LEU B 225 -0.16 -7.37 -23.58
N VAL B 226 0.07 -6.86 -24.79
CA VAL B 226 1.37 -6.28 -25.16
C VAL B 226 1.70 -5.02 -24.35
N ASN B 227 0.69 -4.19 -24.09
CA ASN B 227 0.89 -3.02 -23.24
C ASN B 227 1.46 -3.41 -21.88
N LYS B 228 0.95 -4.51 -21.32
CA LYS B 228 1.43 -5.01 -20.04
C LYS B 228 2.88 -5.45 -20.13
N GLY B 229 3.23 -6.15 -21.22
CA GLY B 229 4.62 -6.51 -21.50
C GLY B 229 5.54 -5.31 -21.57
N LEU B 230 5.12 -4.27 -22.28
CA LEU B 230 5.84 -2.99 -22.34
C LEU B 230 6.01 -2.36 -20.95
N GLU B 231 4.95 -2.40 -20.14
CA GLU B 231 5.01 -1.90 -18.77
C GLU B 231 5.94 -2.73 -17.88
N VAL B 232 6.01 -4.04 -18.15
CA VAL B 232 6.91 -4.94 -17.41
C VAL B 232 8.37 -4.61 -17.73
N ILE B 233 8.68 -4.45 -19.02
CA ILE B 233 10.00 -3.94 -19.46
C ILE B 233 10.38 -2.61 -18.80
N GLU B 234 9.48 -1.64 -18.84
CA GLU B 234 9.74 -0.32 -18.27
C GLU B 234 9.96 -0.42 -16.76
N THR B 235 9.21 -1.30 -16.11
CA THR B 235 9.39 -1.57 -14.68
C THR B 235 10.82 -2.05 -14.36
N HIS B 236 11.31 -3.01 -15.13
CA HIS B 236 12.69 -3.47 -14.96
C HIS B 236 13.68 -2.32 -15.05
N LEU B 237 13.55 -1.51 -16.10
CA LEU B 237 14.48 -0.41 -16.35
C LEU B 237 14.37 0.73 -15.33
N LEU B 238 13.14 1.06 -14.93
CA LEU B 238 12.92 2.09 -13.91
C LEU B 238 13.39 1.70 -12.51
N PHE B 239 13.12 0.47 -12.10
CA PHE B 239 13.32 0.13 -10.70
C PHE B 239 14.43 -0.89 -10.42
N GLY B 240 15.09 -1.37 -11.48
CA GLY B 240 16.23 -2.28 -11.34
C GLY B 240 15.89 -3.61 -10.67
N ILE B 241 14.73 -4.15 -11.02
CA ILE B 241 14.27 -5.40 -10.43
C ILE B 241 14.33 -6.48 -11.53
N PRO B 242 14.90 -7.65 -11.22
CA PRO B 242 14.98 -8.70 -12.26
C PRO B 242 13.59 -9.11 -12.77
N TYR B 243 13.53 -9.54 -14.03
CA TYR B 243 12.28 -9.94 -14.66
C TYR B 243 11.55 -11.06 -13.95
N ASP B 244 12.30 -12.01 -13.37
CA ASP B 244 11.68 -13.13 -12.65
C ASP B 244 11.07 -12.71 -11.30
N ARG B 245 11.21 -11.44 -10.96
CA ARG B 245 10.62 -10.86 -9.74
C ARG B 245 9.58 -9.79 -10.08
N ILE B 246 9.22 -9.69 -11.35
CA ILE B 246 8.16 -8.76 -11.79
C ILE B 246 6.95 -9.58 -12.23
N ASP B 247 5.89 -9.50 -11.44
CA ASP B 247 4.70 -10.31 -11.71
C ASP B 247 3.57 -9.45 -12.25
N VAL B 248 2.58 -10.12 -12.86
CA VAL B 248 1.38 -9.46 -13.32
C VAL B 248 0.20 -10.24 -12.76
N VAL B 249 -0.78 -9.51 -12.21
CA VAL B 249 -2.06 -10.08 -11.83
C VAL B 249 -3.16 -9.33 -12.58
N VAL B 250 -4.20 -10.05 -12.97
CA VAL B 250 -5.35 -9.40 -13.61
C VAL B 250 -6.31 -8.88 -12.54
N HIS B 251 -6.68 -7.61 -12.68
CA HIS B 251 -7.50 -6.91 -11.70
C HIS B 251 -8.51 -6.05 -12.46
N PRO B 252 -9.73 -6.57 -12.67
CA PRO B 252 -10.69 -5.96 -13.61
C PRO B 252 -11.16 -4.55 -13.26
N GLN B 253 -11.20 -4.21 -11.98
CA GLN B 253 -11.67 -2.89 -11.54
C GLN B 253 -10.65 -1.75 -11.75
N SER B 254 -9.37 -2.09 -11.91
CA SER B 254 -8.29 -1.10 -12.05
C SER B 254 -8.33 -0.05 -10.92
N ILE B 255 -8.54 -0.51 -9.69
CA ILE B 255 -8.53 0.39 -8.55
C ILE B 255 -7.15 0.30 -7.88
N ILE B 256 -6.65 -0.92 -7.69
CA ILE B 256 -5.26 -1.12 -7.28
C ILE B 256 -4.40 -1.01 -8.53
N HIS B 257 -3.46 -0.07 -8.54
CA HIS B 257 -2.72 0.24 -9.76
C HIS B 257 -1.42 -0.53 -9.90
N SER B 258 -0.98 -1.10 -8.77
CA SER B 258 0.18 -2.00 -8.68
C SER B 258 0.53 -2.18 -7.20
N MET B 259 1.46 -3.09 -6.92
CA MET B 259 1.79 -3.46 -5.55
C MET B 259 3.25 -3.86 -5.46
N VAL B 260 3.80 -3.79 -4.24
CA VAL B 260 5.16 -4.28 -3.95
C VAL B 260 5.10 -5.27 -2.79
N THR B 261 5.68 -6.45 -3.00
CA THR B 261 5.78 -7.46 -1.95
C THR B 261 7.20 -7.45 -1.38
N PHE B 262 7.30 -7.27 -0.07
CA PHE B 262 8.58 -7.18 0.63
C PHE B 262 9.04 -8.55 1.16
N ILE B 263 10.32 -8.64 1.54
CA ILE B 263 10.93 -9.91 2.00
C ILE B 263 10.25 -10.57 3.23
N ASP B 264 9.57 -9.76 4.05
CA ASP B 264 8.84 -10.32 5.23
C ASP B 264 7.48 -10.92 4.92
N GLY B 265 7.03 -10.74 3.68
CA GLY B 265 5.70 -11.20 3.26
C GLY B 265 4.64 -10.10 3.26
N SER B 266 5.02 -8.89 3.65
CA SER B 266 4.10 -7.73 3.56
C SER B 266 4.00 -7.22 2.13
N THR B 267 2.77 -6.96 1.67
CA THR B 267 2.53 -6.29 0.38
C THR B 267 1.98 -4.89 0.61
N ILE B 268 2.56 -3.90 -0.08
CA ILE B 268 2.06 -2.53 -0.06
C ILE B 268 1.44 -2.25 -1.44
N ALA B 269 0.22 -1.69 -1.44
CA ALA B 269 -0.56 -1.46 -2.65
C ALA B 269 -1.04 -0.02 -2.75
N GLN B 270 -1.08 0.50 -3.97
CA GLN B 270 -1.62 1.83 -4.25
C GLN B 270 -3.00 1.70 -4.92
N ALA B 271 -3.97 2.44 -4.38
CA ALA B 271 -5.36 2.35 -4.81
C ALA B 271 -6.01 3.73 -5.02
N SER B 272 -6.72 3.88 -6.14
CA SER B 272 -7.51 5.07 -6.43
C SER B 272 -8.49 4.80 -7.57
N PRO B 273 -9.64 5.49 -7.58
CA PRO B 273 -10.52 5.38 -8.74
C PRO B 273 -9.71 5.81 -9.95
N PRO B 274 -9.87 5.12 -11.10
CA PRO B 274 -9.11 5.51 -12.30
C PRO B 274 -9.21 7.02 -12.59
N ASP B 275 -8.07 7.65 -12.86
CA ASP B 275 -7.97 9.09 -13.14
C ASP B 275 -6.47 9.36 -13.26
N MET B 276 -6.02 9.59 -14.50
CA MET B 276 -4.60 9.77 -14.77
C MET B 276 -4.04 11.08 -14.20
N LYS B 277 -4.92 11.96 -13.73
CA LYS B 277 -4.44 13.20 -13.12
C LYS B 277 -3.68 12.96 -11.82
N LEU B 278 -4.00 11.87 -11.12
CA LEU B 278 -3.25 11.52 -9.92
C LEU B 278 -1.79 11.22 -10.27
N PRO B 279 -1.50 10.20 -11.10
CA PRO B 279 -0.09 9.92 -11.37
C PRO B 279 0.59 11.05 -12.14
N ILE B 280 -0.15 11.80 -12.95
CA ILE B 280 0.42 12.96 -13.63
C ILE B 280 0.85 14.01 -12.60
N SER B 281 -0.05 14.35 -11.67
CA SER B 281 0.25 15.38 -10.65
C SER B 281 1.47 15.01 -9.82
N LEU B 282 1.54 13.73 -9.46
CA LEU B 282 2.64 13.21 -8.65
C LEU B 282 3.96 13.20 -9.42
N ALA B 283 3.93 12.84 -10.70
CA ALA B 283 5.15 12.90 -11.51
C ALA B 283 5.68 14.33 -11.63
N LEU B 284 4.77 15.29 -11.80
CA LEU B 284 5.15 16.70 -11.91
C LEU B 284 5.74 17.23 -10.60
N GLY B 285 5.10 16.91 -9.48
CA GLY B 285 5.48 17.47 -8.18
C GLY B 285 6.45 16.64 -7.35
N TRP B 286 6.83 15.47 -7.89
CA TRP B 286 7.62 14.48 -7.17
C TRP B 286 8.81 15.12 -6.45
N PRO B 287 9.02 14.78 -5.16
CA PRO B 287 8.33 13.77 -4.32
C PRO B 287 7.03 14.24 -3.63
N ARG B 288 6.62 15.48 -3.86
CA ARG B 288 5.51 16.08 -3.14
C ARG B 288 4.15 15.89 -3.81
N ARG B 289 3.19 15.39 -3.03
CA ARG B 289 1.83 15.19 -3.51
C ARG B 289 1.10 16.51 -3.74
N VAL B 290 0.21 16.50 -4.72
CA VAL B 290 -0.56 17.69 -5.10
C VAL B 290 -1.98 17.57 -4.53
N SER B 291 -2.26 18.38 -3.52
CA SER B 291 -3.57 18.39 -2.87
C SER B 291 -4.73 18.50 -3.86
N GLY B 292 -5.69 17.60 -3.75
CA GLY B 292 -6.92 17.67 -4.54
C GLY B 292 -6.80 17.20 -5.97
N ALA B 293 -5.70 16.54 -6.31
CA ALA B 293 -5.44 16.10 -7.69
C ALA B 293 -6.52 15.17 -8.23
N ALA B 294 -6.96 14.24 -7.39
CA ALA B 294 -7.97 13.27 -7.80
C ALA B 294 -8.85 12.91 -6.61
N ALA B 295 -9.94 12.20 -6.90
CA ALA B 295 -10.83 11.69 -5.87
C ALA B 295 -10.22 10.43 -5.25
N ALA B 296 -10.42 10.25 -3.96
CA ALA B 296 -9.91 9.07 -3.27
C ALA B 296 -10.95 7.96 -3.31
N CYS B 297 -10.50 6.74 -3.04
CA CYS B 297 -11.41 5.62 -2.77
C CYS B 297 -12.44 5.99 -1.70
N ASP B 298 -13.70 5.69 -1.99
CA ASP B 298 -14.77 5.92 -1.05
C ASP B 298 -15.35 4.58 -0.59
N PHE B 299 -15.38 4.39 0.73
CA PHE B 299 -15.84 3.12 1.27
C PHE B 299 -17.25 3.17 1.89
N HIS B 300 -18.12 4.02 1.36
CA HIS B 300 -19.46 4.17 1.92
C HIS B 300 -20.48 3.26 1.27
N THR B 301 -20.11 2.71 0.11
CA THR B 301 -20.94 1.73 -0.58
C THR B 301 -20.10 0.46 -0.78
N ALA B 302 -20.73 -0.70 -0.63
CA ALA B 302 -20.03 -1.98 -0.71
C ALA B 302 -19.37 -2.21 -2.06
N SER B 303 -18.11 -2.64 -2.05
CA SER B 303 -17.43 -2.98 -3.31
C SER B 303 -16.47 -4.14 -3.13
N SER B 304 -15.93 -4.62 -4.24
CA SER B 304 -14.93 -5.67 -4.19
C SER B 304 -13.80 -5.41 -5.20
N TRP B 305 -12.60 -5.76 -4.80
CA TRP B 305 -11.44 -5.67 -5.66
C TRP B 305 -11.07 -7.11 -5.96
N GLU B 306 -11.21 -7.50 -7.23
CA GLU B 306 -11.00 -8.88 -7.65
C GLU B 306 -9.64 -9.09 -8.28
N PHE B 307 -9.03 -10.24 -8.01
CA PHE B 307 -7.77 -10.61 -8.64
C PHE B 307 -7.88 -12.00 -9.25
N GLU B 308 -7.22 -12.19 -10.38
CA GLU B 308 -7.18 -13.50 -11.03
C GLU B 308 -5.90 -13.64 -11.86
N PRO B 309 -5.42 -14.88 -12.02
CA PRO B 309 -4.22 -15.01 -12.81
C PRO B 309 -4.48 -14.77 -14.30
N LEU B 310 -3.41 -14.51 -15.03
CA LEU B 310 -3.44 -14.42 -16.47
C LEU B 310 -3.07 -15.78 -17.04
N ASP B 311 -3.88 -16.31 -17.96
CA ASP B 311 -3.51 -17.59 -18.62
C ASP B 311 -2.45 -17.27 -19.67
N THR B 312 -1.22 -17.59 -19.31
CA THR B 312 -0.08 -17.25 -20.15
C THR B 312 -0.01 -18.09 -21.43
N ASP B 313 -0.77 -19.19 -21.50
CA ASP B 313 -0.87 -19.98 -22.74
C ASP B 313 -1.69 -19.23 -23.78
N VAL B 314 -2.75 -18.58 -23.32
CA VAL B 314 -3.66 -17.83 -24.18
C VAL B 314 -3.11 -16.41 -24.42
N PHE B 315 -2.48 -15.84 -23.39
CA PHE B 315 -1.91 -14.48 -23.46
C PHE B 315 -0.41 -14.48 -23.18
N PRO B 316 0.42 -14.87 -24.18
CA PRO B 316 1.86 -14.99 -23.90
C PRO B 316 2.68 -13.69 -24.03
N ALA B 317 2.03 -12.57 -24.33
CA ALA B 317 2.73 -11.29 -24.57
C ALA B 317 3.64 -10.82 -23.45
N VAL B 318 3.28 -11.13 -22.20
CA VAL B 318 4.11 -10.73 -21.05
C VAL B 318 5.36 -11.63 -20.92
N GLU B 319 5.18 -12.94 -21.11
CA GLU B 319 6.32 -13.87 -21.17
C GLU B 319 7.30 -13.48 -22.26
N LEU B 320 6.77 -13.07 -23.41
CA LEU B 320 7.61 -12.64 -24.52
C LEU B 320 8.39 -11.37 -24.19
N ALA B 321 7.75 -10.48 -23.45
CA ALA B 321 8.39 -9.24 -23.05
C ALA B 321 9.56 -9.50 -22.09
N ARG B 322 9.37 -10.42 -21.14
CA ARG B 322 10.44 -10.84 -20.23
C ARG B 322 11.63 -11.45 -20.98
N GLN B 323 11.35 -12.32 -21.95
CA GLN B 323 12.40 -12.89 -22.83
C GLN B 323 13.16 -11.79 -23.56
N ALA B 324 12.43 -10.87 -24.21
CA ALA B 324 13.07 -9.74 -24.87
C ALA B 324 13.91 -8.94 -23.87
N GLY B 325 13.34 -8.65 -22.69
CA GLY B 325 14.01 -7.83 -21.68
C GLY B 325 15.28 -8.47 -21.16
N VAL B 326 15.21 -9.77 -20.90
CA VAL B 326 16.36 -10.53 -20.39
C VAL B 326 17.51 -10.57 -21.43
N ALA B 327 17.18 -10.73 -22.71
CA ALA B 327 18.19 -10.68 -23.76
C ALA B 327 18.89 -9.32 -23.83
N GLY B 328 18.16 -8.25 -23.54
CA GLY B 328 18.75 -6.92 -23.38
C GLY B 328 19.12 -6.24 -24.67
N GLY B 329 19.96 -5.22 -24.57
CA GLY B 329 20.39 -4.45 -25.74
C GLY B 329 19.21 -3.84 -26.45
N CYS B 330 19.10 -4.13 -27.75
CA CYS B 330 18.01 -3.60 -28.57
C CYS B 330 16.85 -4.59 -28.73
N MET B 331 16.87 -5.70 -27.98
CA MET B 331 15.81 -6.72 -28.11
C MET B 331 14.41 -6.19 -27.78
N THR B 332 14.32 -5.30 -26.79
CA THR B 332 13.01 -4.72 -26.45
C THR B 332 12.54 -3.72 -27.52
N ALA B 333 13.48 -3.00 -28.14
CA ALA B 333 13.12 -2.18 -29.32
C ALA B 333 12.52 -3.08 -30.40
N VAL B 334 13.09 -4.27 -30.56
CA VAL B 334 12.61 -5.25 -31.54
C VAL B 334 11.19 -5.74 -31.22
N TYR B 335 10.98 -6.13 -29.95
CA TYR B 335 9.66 -6.53 -29.44
C TYR B 335 8.58 -5.49 -29.77
N ASN B 336 8.86 -4.23 -29.46
CA ASN B 336 7.90 -3.14 -29.68
C ASN B 336 7.61 -2.82 -31.15
N ALA B 337 8.66 -2.80 -31.97
CA ALA B 337 8.54 -2.49 -33.38
C ALA B 337 7.78 -3.60 -34.12
N ALA B 338 8.07 -4.85 -33.74
CA ALA B 338 7.34 -6.01 -34.27
C ALA B 338 5.86 -5.91 -33.95
N ASN B 339 5.54 -5.52 -32.72
CA ASN B 339 4.15 -5.28 -32.32
C ASN B 339 3.45 -4.20 -33.15
N GLU B 340 4.08 -3.03 -33.28
CA GLU B 340 3.50 -1.94 -34.08
C GLU B 340 3.08 -2.45 -35.47
N GLU B 341 3.95 -3.23 -36.09
CA GLU B 341 3.71 -3.77 -37.42
C GLU B 341 2.61 -4.82 -37.44
N ALA B 342 2.68 -5.79 -36.52
CA ALA B 342 1.69 -6.87 -36.45
C ALA B 342 0.31 -6.32 -36.07
N ALA B 343 0.28 -5.38 -35.13
CA ALA B 343 -0.95 -4.77 -34.65
C ALA B 343 -1.66 -4.01 -35.77
N ALA B 344 -0.89 -3.26 -36.56
CA ALA B 344 -1.44 -2.52 -37.70
C ALA B 344 -1.97 -3.48 -38.75
N ALA B 345 -1.24 -4.57 -38.98
CA ALA B 345 -1.67 -5.63 -39.88
C ALA B 345 -2.99 -6.25 -39.42
N PHE B 346 -3.17 -6.41 -38.11
CA PHE B 346 -4.43 -6.89 -37.57
C PHE B 346 -5.57 -5.91 -37.84
N LEU B 347 -5.31 -4.61 -37.63
CA LEU B 347 -6.32 -3.57 -37.83
C LEU B 347 -6.73 -3.43 -39.30
N ALA B 348 -5.80 -3.74 -40.21
CA ALA B 348 -6.06 -3.73 -41.65
C ALA B 348 -6.68 -5.05 -42.14
N GLY B 349 -6.86 -6.01 -41.24
CA GLY B 349 -7.44 -7.29 -41.61
C GLY B 349 -6.49 -8.23 -42.34
N ARG B 350 -5.19 -7.94 -42.27
CA ARG B 350 -4.18 -8.78 -42.93
C ARG B 350 -3.85 -10.03 -42.11
N ILE B 351 -4.01 -9.96 -40.80
CA ILE B 351 -3.85 -11.13 -39.94
C ILE B 351 -5.00 -11.22 -38.93
N GLY B 352 -5.11 -12.36 -38.27
CA GLY B 352 -6.06 -12.49 -37.16
C GLY B 352 -5.43 -12.03 -35.85
N PHE B 353 -6.27 -11.92 -34.82
CA PHE B 353 -5.86 -11.43 -33.50
C PHE B 353 -4.73 -12.26 -32.84
N PRO B 354 -4.88 -13.59 -32.75
CA PRO B 354 -3.84 -14.39 -32.10
C PRO B 354 -2.47 -14.28 -32.78
N ALA B 355 -2.47 -13.93 -34.07
CA ALA B 355 -1.24 -13.84 -34.85
C ALA B 355 -0.41 -12.59 -34.55
N ILE B 356 -0.96 -11.63 -33.82
CA ILE B 356 -0.19 -10.46 -33.40
C ILE B 356 1.01 -10.91 -32.58
N VAL B 357 0.75 -11.64 -31.49
CA VAL B 357 1.80 -12.08 -30.58
C VAL B 357 2.61 -13.21 -31.22
N GLY B 358 1.97 -13.99 -32.09
CA GLY B 358 2.66 -14.99 -32.90
C GLY B 358 3.77 -14.39 -33.75
N ILE B 359 3.49 -13.28 -34.41
CA ILE B 359 4.49 -12.58 -35.23
C ILE B 359 5.61 -11.97 -34.37
N ILE B 360 5.25 -11.38 -33.23
CA ILE B 360 6.27 -10.87 -32.30
C ILE B 360 7.27 -11.99 -31.95
N ALA B 361 6.75 -13.16 -31.61
CA ALA B 361 7.57 -14.31 -31.23
C ALA B 361 8.49 -14.73 -32.37
N ASP B 362 7.93 -14.82 -33.58
CA ASP B 362 8.71 -15.19 -34.77
C ASP B 362 9.82 -14.19 -35.04
N VAL B 363 9.50 -12.90 -34.94
CA VAL B 363 10.50 -11.84 -35.13
C VAL B 363 11.59 -11.88 -34.03
N LEU B 364 11.18 -11.97 -32.77
CA LEU B 364 12.13 -12.04 -31.66
C LEU B 364 13.07 -13.26 -31.75
N HIS B 365 12.50 -14.42 -32.09
CA HIS B 365 13.28 -15.66 -32.21
C HIS B 365 14.42 -15.51 -33.22
N ALA B 366 14.21 -14.65 -34.21
CA ALA B 366 15.14 -14.44 -35.30
C ALA B 366 16.11 -13.27 -35.07
N ALA B 367 16.04 -12.64 -33.91
CA ALA B 367 16.61 -11.30 -33.73
C ALA B 367 17.88 -11.19 -32.88
N ASP B 368 18.56 -12.30 -32.62
CA ASP B 368 19.66 -12.30 -31.62
C ASP B 368 20.81 -11.33 -31.90
N GLN B 369 21.00 -10.97 -33.17
CA GLN B 369 22.00 -9.95 -33.54
C GLN B 369 21.74 -8.60 -32.85
N TRP B 370 20.49 -8.36 -32.44
CA TRP B 370 20.12 -7.09 -31.79
C TRP B 370 20.31 -7.07 -30.27
N ALA B 371 20.85 -8.14 -29.70
CA ALA B 371 21.16 -8.18 -28.26
C ALA B 371 22.33 -7.27 -27.84
N VAL B 372 23.13 -6.82 -28.81
CA VAL B 372 24.21 -5.85 -28.56
C VAL B 372 23.62 -4.54 -28.02
N GLU B 373 24.33 -3.90 -27.08
CA GLU B 373 23.91 -2.60 -26.54
C GLU B 373 24.01 -1.49 -27.59
N PRO B 374 22.96 -0.64 -27.70
CA PRO B 374 23.06 0.49 -28.64
C PRO B 374 24.08 1.52 -28.15
N ALA B 375 24.91 2.02 -29.07
CA ALA B 375 25.82 3.13 -28.75
C ALA B 375 25.16 4.46 -29.06
N THR B 376 24.27 4.46 -30.05
CA THR B 376 23.62 5.68 -30.51
C THR B 376 22.13 5.49 -30.77
N VAL B 377 21.44 6.60 -31.00
CA VAL B 377 20.03 6.59 -31.39
C VAL B 377 19.84 5.83 -32.71
N ASP B 378 20.80 6.00 -33.62
CA ASP B 378 20.73 5.34 -34.92
C ASP B 378 20.75 3.81 -34.82
N ASP B 379 21.48 3.28 -33.84
CA ASP B 379 21.47 1.84 -33.52
C ASP B 379 20.06 1.34 -33.16
N VAL B 380 19.36 2.09 -32.31
CA VAL B 380 17.98 1.77 -31.96
C VAL B 380 17.06 1.82 -33.19
N LEU B 381 17.23 2.83 -34.02
CA LEU B 381 16.40 3.00 -35.23
C LEU B 381 16.61 1.85 -36.23
N ASP B 382 17.87 1.44 -36.41
CA ASP B 382 18.20 0.27 -37.24
C ASP B 382 17.55 -0.99 -36.68
N ALA B 383 17.56 -1.17 -35.36
CA ALA B 383 16.89 -2.33 -34.75
C ALA B 383 15.38 -2.32 -35.08
N GLN B 384 14.77 -1.14 -34.96
CA GLN B 384 13.35 -0.97 -35.27
C GLN B 384 13.07 -1.19 -36.77
N ARG B 385 13.94 -0.66 -37.63
CA ARG B 385 13.84 -0.88 -39.08
C ARG B 385 13.88 -2.38 -39.42
N TRP B 386 14.88 -3.08 -38.89
CA TRP B 386 14.99 -4.52 -39.06
C TRP B 386 13.73 -5.25 -38.59
N ALA B 387 13.25 -4.92 -37.39
CA ALA B 387 12.09 -5.59 -36.80
C ALA B 387 10.79 -5.37 -37.60
N ARG B 388 10.60 -4.16 -38.09
CA ARG B 388 9.43 -3.82 -38.93
C ARG B 388 9.39 -4.65 -40.22
N GLU B 389 10.49 -4.67 -40.95
CA GLU B 389 10.50 -5.41 -42.22
C GLU B 389 10.43 -6.92 -42.00
N ARG B 390 11.02 -7.40 -40.91
CA ARG B 390 10.94 -8.83 -40.53
C ARG B 390 9.49 -9.22 -40.23
N ALA B 391 8.78 -8.36 -39.50
CA ALA B 391 7.35 -8.57 -39.24
C ALA B 391 6.52 -8.45 -40.52
N GLN B 392 6.90 -7.56 -41.43
CA GLN B 392 6.20 -7.43 -42.71
C GLN B 392 6.28 -8.73 -43.53
N ARG B 393 7.48 -9.32 -43.59
CA ARG B 393 7.70 -10.62 -44.24
C ARG B 393 6.80 -11.71 -43.64
N ALA B 394 6.79 -11.80 -42.31
CA ALA B 394 5.96 -12.77 -41.59
C ALA B 394 4.48 -12.61 -41.93
N VAL B 395 4.00 -11.36 -41.95
CA VAL B 395 2.61 -11.06 -42.30
C VAL B 395 2.24 -11.45 -43.75
N SER B 396 3.10 -11.10 -44.71
CA SER B 396 2.76 -11.25 -46.13
C SER B 396 2.99 -12.67 -46.66
N GLY B 397 3.87 -13.41 -45.98
CA GLY B 397 4.27 -14.73 -46.42
C GLY B 397 5.51 -14.72 -47.30
N MET B 398 6.27 -13.64 -47.24
CA MET B 398 7.48 -13.49 -48.05
C MET B 398 8.73 -13.48 -47.17
O2 FOM C . -6.71 -7.34 16.63
N1 FOM C . -6.54 -8.12 15.48
C1 FOM C . -5.45 -7.96 14.70
O1 FOM C . -4.60 -7.15 14.99
C2 FOM C . -7.57 -9.06 15.11
C3 FOM C . -8.60 -8.17 14.40
C4 FOM C . -9.92 -8.89 14.33
PA1 FOM C . -11.25 -7.72 14.05
OP1 FOM C . -12.50 -8.52 13.84
OP2 FOM C . -11.00 -6.85 12.84
OP3 FOM C . -11.41 -6.84 15.27
PA NDP D . -3.85 -14.30 25.57
O1A NDP D . -4.98 -14.38 26.56
O2A NDP D . -3.60 -15.36 24.53
O5B NDP D . -2.49 -14.14 26.41
C5B NDP D . -2.46 -13.45 27.66
C4B NDP D . -1.07 -13.61 28.27
O4B NDP D . -0.96 -12.80 29.44
C3B NDP D . -0.84 -15.04 28.74
O3B NDP D . 0.55 -15.31 28.58
C2B NDP D . -1.20 -15.01 30.21
O2B NDP D . -0.53 -15.97 31.02
C1B NDP D . -0.70 -13.63 30.58
N9A NDP D . -1.39 -13.07 31.75
C8A NDP D . -2.71 -13.11 32.03
N7A NDP D . -2.97 -12.45 33.20
C5A NDP D . -1.78 -12.01 33.66
C6A NDP D . -1.31 -11.25 34.83
N6A NDP D . -2.17 -10.83 35.80
N1A NDP D . 0.01 -10.98 34.92
C2A NDP D . 0.90 -11.39 34.00
N3A NDP D . 0.55 -12.09 32.91
C4A NDP D . -0.75 -12.41 32.70
O3 NDP D . -3.99 -12.87 24.85
PN NDP D . -3.40 -12.52 23.39
O1N NDP D . -4.44 -12.91 22.38
O2N NDP D . -1.96 -12.98 23.22
O5D NDP D . -3.45 -10.92 23.52
C5D NDP D . -2.40 -10.15 24.10
C4D NDP D . -2.66 -8.71 23.66
O4D NDP D . -2.42 -8.61 22.25
C3D NDP D . -4.11 -8.31 23.91
O3D NDP D . -4.13 -7.01 24.51
C2D NDP D . -4.74 -8.25 22.53
O2D NDP D . -5.71 -7.22 22.38
C1D NDP D . -3.56 -8.04 21.60
N1N NDP D . -3.77 -8.64 20.27
C2N NDP D . -3.88 -9.98 20.12
C3N NDP D . -4.08 -10.55 18.87
C7N NDP D . -4.06 -12.04 18.67
O7N NDP D . -3.96 -12.45 17.53
N7N NDP D . -4.16 -12.87 19.72
C4N NDP D . -4.31 -9.66 17.65
C5N NDP D . -3.85 -8.30 17.91
C6N NDP D . -3.83 -7.81 19.22
P2B NDP D . -1.23 -17.34 31.46
O1X NDP D . -1.44 -17.21 32.95
O2X NDP D . -2.50 -17.48 30.68
O3X NDP D . -0.22 -18.41 31.14
MN MN E . -5.99 -5.57 15.65
S SO4 F . 9.77 4.86 9.61
O1 SO4 F . 9.54 5.20 11.03
O2 SO4 F . 10.43 5.99 8.93
O3 SO4 F . 10.63 3.65 9.54
O4 SO4 F . 8.48 4.60 8.92
MN MN G . -0.79 1.66 -17.80
S SO4 H . -4.02 -2.60 -19.25
O1 SO4 H . -4.25 -1.18 -19.53
O2 SO4 H . -2.81 -3.00 -19.99
O3 SO4 H . -3.89 -2.79 -17.79
O4 SO4 H . -5.15 -3.40 -19.78
PA NDP I . -1.04 11.44 -27.61
O1A NDP I . -1.01 10.70 -28.90
O2A NDP I . -2.57 11.64 -27.14
O5B NDP I . -0.33 12.91 -27.82
C5B NDP I . 0.98 12.77 -28.47
C4B NDP I . 1.70 14.20 -28.51
O4B NDP I . 2.93 14.13 -29.26
C3B NDP I . 0.81 15.20 -29.26
O3B NDP I . 0.76 16.45 -28.55
C2B NDP I . 1.49 15.36 -30.61
O2B NDP I . 1.20 16.61 -31.25
C1B NDP I . 2.95 15.17 -30.24
N9A NDP I . 3.82 14.83 -31.39
C8A NDP I . 3.59 13.94 -32.38
N7A NDP I . 4.63 13.90 -33.26
C5A NDP I . 5.56 14.79 -32.84
C6A NDP I . 6.90 15.26 -33.29
N6A NDP I . 7.48 14.76 -34.41
N1A NDP I . 7.53 16.20 -32.54
C2A NDP I . 6.98 16.71 -31.43
N3A NDP I . 5.77 16.34 -30.97
C4A NDP I . 5.03 15.39 -31.60
O3 NDP I . -0.16 10.58 -26.53
PN NDP I . -0.73 10.62 -24.99
O1N NDP I . -1.98 9.84 -24.93
O2N NDP I . -1.04 12.14 -24.59
O5D NDP I . 0.37 9.95 -23.97
C5D NDP I . 1.69 10.34 -24.35
C4D NDP I . 2.57 9.09 -24.35
O4D NDP I . 2.42 8.38 -23.06
C3D NDP I . 2.04 8.16 -25.46
O3D NDP I . 3.09 7.76 -26.36
C2D NDP I . 1.41 6.97 -24.74
O2D NDP I . 1.71 5.78 -25.44
C1D NDP I . 2.04 6.98 -23.36
N1N NDP I . 1.10 6.47 -22.34
C2N NDP I . -0.02 7.22 -22.05
C3N NDP I . -1.11 6.63 -21.53
C7N NDP I . -2.36 7.30 -21.37
O7N NDP I . -3.00 7.16 -20.34
N7N NDP I . -2.85 8.06 -22.37
C4N NDP I . -1.05 5.16 -21.19
C5N NDP I . 0.37 4.59 -21.14
C6N NDP I . 1.32 5.25 -21.70
P2B NDP I . -0.01 16.67 -32.33
O1X NDP I . 0.01 18.09 -32.84
O2X NDP I . -1.24 16.34 -31.50
O3X NDP I . 0.33 15.60 -33.33
#